data_9BBI
#
_entry.id   9BBI
#
_cell.length_a   63.039
_cell.length_b   125.742
_cell.length_c   169.937
_cell.angle_alpha   90.00
_cell.angle_beta   90.00
_cell.angle_gamma   90.00
#
_symmetry.space_group_name_H-M   'P 21 21 21'
#
loop_
_entity.id
_entity.type
_entity.pdbx_description
1 polymer 'DNA damage-binding protein 1'
2 non-polymer 'L(+)-TARTARIC ACID'
3 non-polymer 3-([1,3]oxazolo[4,5-b]pyridin-2-yl)aniline
4 non-polymer 'UNKNOWN ATOM OR ION'
5 water water
#
_entity_poly.entity_id   1
_entity_poly.type   'polypeptide(L)'
_entity_poly.pdbx_seq_one_letter_code
;GSMSYNYVVTAQKPTAVNGCVTGHFTSAEDLNLLIAKNTRLEIYVVTAEGLRPVKEVGMYGKIAVMELFRPKGESKDLLF
ILTAKYNACILEYKQSGESIDIITRAHGNVQDRIGRPSETGIIGIIDPECRMIGLRLYDGLFKVIPLDRDNKELKAFNIR
LEELHVIDVKFLYGCQAPTICFVYQDPQGRHVKTYEVSLREKEFNKGPWKQENVEAEASMVIAVPEPFGGAIIIGQESIT
YHNGDKYLAIAPPIIKQSTIVCHNRVDPNGSRYLLGDMEGRLFMLLLEKEEQMDGTVTLKDLRVELLGETSIAECLTYLD
NGVVFVGSRLGDSQLVKLNVDSNEQGSYVVAMETFTNLGPIVDMCVVDLERQGQGQLVTCSGAFKEGSLRIIRNGIGIHE
HASIDLPGIKGLWPLRSDPNRETDDTLVLSFVGQTRVLMLNGEEVEETELMGFVDDQQTFFCGNVAHQQLIQITSASVRL
VSQEPKALVSEWKEPQAKNISVASCNSSQVVVAVGRALYYLQIHPQELRQISHTEMEHEVACLDITPLGDSNGLSPLCAI
GLWTDISARILKLPSFELLHKEMLGGEIIPRSILMTTFESSHYLLCALGDGALFYFGLNIETGLLSDRKKVTLGTQPTVL
RTFRSLSTTNVFACSDRPTVIYSSNHKLVFSNVNLKEVNYMCPLNSDGYPDSLALANNSTLTIGTIDEIQKLHIRTVPLY
ESPRKICYQEVSQCFGVLSSRIEVQDTSGGTTALRPSASTQALSSSVSSSKLFSSSTAPHETSFGEEVEVHNLLIIDQHT
FEVLHAHQFLQNEYALSLVSCKLGKDPNTYFIVGTAMVYPEEAEPKQGRIVVFQYSDGKLQTVAEKEVKGAVYSMVEFNG
KLLASINSTVRLYEWTTEKELRTECNHYNNIMALYLKTKGDFILVGDLMRSVLLLAYKPMEGNFEEIARDFNPNWMSAVE
ILDDDNFLGAENAFNLFVCQKDSAATTDEERQHLQEVGLFHLGEFVNVFCHGSLVMQNLGETSTPTQGSVLFGTVNGMIG
LVTSLSESWYNLLLDMQNRLNKVIKSVGKIEHSFWRSFHTERKTEPATGFIDGDLIESFLDISRPKMQEVVANLQYDDGS
GMKREATADDLIKVVEELTRIH
;
_entity_poly.pdbx_strand_id   A
#
loop_
_chem_comp.id
_chem_comp.type
_chem_comp.name
_chem_comp.formula
A1ALB non-polymer 3-([1,3]oxazolo[4,5-b]pyridin-2-yl)aniline 'C12 H9 N3 O'
TLA non-polymer 'L(+)-TARTARIC ACID' 'C4 H6 O6'
UNX non-polymer 'UNKNOWN ATOM OR ION' ?
#
# COMPACT_ATOMS: atom_id res chain seq x y z
N MET A 3 6.14 -28.65 -12.93
CA MET A 3 7.28 -29.25 -12.18
C MET A 3 7.42 -28.59 -10.81
N SER A 4 7.42 -27.24 -10.76
CA SER A 4 7.28 -26.50 -9.52
C SER A 4 5.97 -25.70 -9.54
N TYR A 5 5.33 -25.60 -8.39
CA TYR A 5 4.06 -24.93 -8.30
C TYR A 5 4.16 -23.89 -7.21
N ASN A 6 4.00 -22.61 -7.61
CA ASN A 6 4.18 -21.48 -6.74
C ASN A 6 2.96 -20.57 -6.80
N TYR A 7 2.72 -19.87 -5.69
CA TYR A 7 1.63 -18.95 -5.50
C TYR A 7 2.23 -17.62 -5.06
N VAL A 8 1.86 -16.52 -5.72
CA VAL A 8 2.41 -15.21 -5.40
C VAL A 8 1.26 -14.27 -5.11
N VAL A 9 1.36 -13.52 -4.00
CA VAL A 9 0.28 -12.64 -3.59
C VAL A 9 0.86 -11.37 -2.97
N THR A 10 0.08 -10.29 -3.11
CA THR A 10 0.46 -8.98 -2.57
C THR A 10 0.15 -8.93 -1.08
N ALA A 11 1.15 -8.57 -0.27
CA ALA A 11 0.92 -8.31 1.14
C ALA A 11 0.74 -6.81 1.41
N GLN A 12 1.50 -5.98 0.71
CA GLN A 12 1.35 -4.53 0.75
C GLN A 12 1.42 -4.06 -0.69
N LYS A 13 0.37 -3.37 -1.15
CA LYS A 13 0.33 -2.82 -2.49
C LYS A 13 1.40 -1.74 -2.61
N PRO A 14 1.89 -1.45 -3.83
CA PRO A 14 2.90 -0.42 -4.02
C PRO A 14 2.45 0.93 -3.47
N THR A 15 3.37 1.67 -2.86
CA THR A 15 3.05 2.91 -2.17
C THR A 15 3.70 4.11 -2.85
N ALA A 16 4.70 3.86 -3.71
CA ALA A 16 5.40 4.92 -4.40
C ALA A 16 4.45 5.57 -5.42
N VAL A 17 4.53 6.90 -5.57
CA VAL A 17 3.70 7.59 -6.54
C VAL A 17 4.50 7.79 -7.81
N ASN A 18 4.04 7.19 -8.92
CA ASN A 18 4.75 7.22 -10.19
C ASN A 18 4.20 8.35 -11.08
N GLY A 19 3.04 8.89 -10.77
CA GLY A 19 2.46 9.97 -11.55
C GLY A 19 1.16 10.48 -10.91
N CYS A 20 0.80 11.72 -11.23
CA CYS A 20 -0.37 12.37 -10.67
C CYS A 20 -0.93 13.34 -11.72
N VAL A 21 -2.26 13.43 -11.83
CA VAL A 21 -2.89 14.44 -12.67
C VAL A 21 -4.20 14.92 -12.03
N THR A 22 -4.62 16.15 -12.38
CA THR A 22 -5.89 16.70 -11.96
C THR A 22 -6.76 16.98 -13.18
N GLY A 23 -8.06 17.06 -12.94
CA GLY A 23 -9.03 17.43 -13.96
C GLY A 23 -10.43 17.06 -13.50
N HIS A 24 -11.34 16.86 -14.46
CA HIS A 24 -12.76 16.72 -14.21
C HIS A 24 -13.25 15.41 -14.83
N PHE A 25 -12.99 14.30 -14.14
CA PHE A 25 -13.17 12.95 -14.67
C PHE A 25 -14.46 12.31 -14.13
N THR A 26 -14.72 12.46 -12.83
CA THR A 26 -15.86 11.83 -12.19
C THR A 26 -17.15 12.57 -12.54
N SER A 27 -17.05 13.89 -12.72
CA SER A 27 -18.11 14.70 -13.29
C SER A 27 -17.51 16.03 -13.74
N ALA A 28 -18.29 16.82 -14.50
CA ALA A 28 -17.79 18.09 -15.02
C ALA A 28 -17.48 19.07 -13.89
N GLU A 29 -18.18 18.94 -12.74
CA GLU A 29 -18.09 19.94 -11.70
C GLU A 29 -17.16 19.48 -10.57
N ASP A 30 -16.72 18.20 -10.60
CA ASP A 30 -15.77 17.71 -9.61
C ASP A 30 -14.34 18.07 -10.04
N LEU A 31 -13.50 18.46 -9.07
CA LEU A 31 -12.06 18.51 -9.28
C LEU A 31 -11.47 17.21 -8.73
N ASN A 32 -10.82 16.44 -9.60
CA ASN A 32 -10.27 15.14 -9.24
C ASN A 32 -8.75 15.16 -9.20
N LEU A 33 -8.21 14.34 -8.29
CA LEU A 33 -6.81 13.96 -8.26
C LEU A 33 -6.75 12.49 -8.63
N LEU A 34 -5.95 12.16 -9.65
CA LEU A 34 -5.68 10.80 -10.03
C LEU A 34 -4.21 10.50 -9.72
N ILE A 35 -3.99 9.39 -9.02
CA ILE A 35 -2.66 8.97 -8.62
C ILE A 35 -2.39 7.60 -9.24
N ALA A 36 -1.22 7.48 -9.88
CA ALA A 36 -0.73 6.21 -10.36
C ALA A 36 0.29 5.66 -9.37
N LYS A 37 0.02 4.46 -8.86
CA LYS A 37 0.98 3.71 -8.07
C LYS A 37 1.25 2.39 -8.79
N ASN A 38 2.08 2.47 -9.82
CA ASN A 38 2.47 1.33 -10.64
C ASN A 38 1.23 0.75 -11.34
N THR A 39 0.64 -0.32 -10.77
CA THR A 39 -0.48 -1.03 -11.37
C THR A 39 -1.83 -0.50 -10.87
N ARG A 40 -1.80 0.39 -9.87
CA ARG A 40 -3.05 0.89 -9.26
C ARG A 40 -3.31 2.34 -9.66
N LEU A 41 -4.58 2.63 -9.96
CA LEU A 41 -5.05 3.99 -10.17
C LEU A 41 -5.99 4.34 -9.02
N GLU A 42 -5.71 5.46 -8.34
CA GLU A 42 -6.54 5.96 -7.25
C GLU A 42 -7.22 7.25 -7.68
N ILE A 43 -8.54 7.33 -7.49
CA ILE A 43 -9.31 8.50 -7.90
C ILE A 43 -9.85 9.18 -6.64
N TYR A 44 -9.63 10.49 -6.55
CA TYR A 44 -10.06 11.30 -5.44
C TYR A 44 -10.84 12.50 -5.94
N VAL A 45 -11.80 12.96 -5.13
CA VAL A 45 -12.44 14.24 -5.29
C VAL A 45 -11.81 15.22 -4.30
N VAL A 46 -11.41 16.40 -4.77
CA VAL A 46 -10.78 17.40 -3.95
C VAL A 46 -11.86 18.26 -3.31
N THR A 47 -11.83 18.36 -1.96
CA THR A 47 -12.79 19.17 -1.22
C THR A 47 -12.03 20.19 -0.37
N ALA A 48 -12.81 21.02 0.34
CA ALA A 48 -12.32 21.85 1.43
C ALA A 48 -11.74 20.96 2.53
N GLU A 49 -12.51 19.95 2.95
CA GLU A 49 -12.04 18.98 3.93
C GLU A 49 -10.71 18.37 3.48
N GLY A 50 -10.59 18.03 2.18
CA GLY A 50 -9.37 17.44 1.63
C GLY A 50 -9.72 16.43 0.54
N LEU A 51 -8.92 15.34 0.45
CA LEU A 51 -9.11 14.32 -0.56
C LEU A 51 -10.13 13.28 -0.10
N ARG A 52 -11.28 13.19 -0.79
CA ARG A 52 -12.20 12.09 -0.61
C ARG A 52 -11.93 10.98 -1.64
N PRO A 53 -11.56 9.74 -1.22
CA PRO A 53 -11.36 8.64 -2.17
C PRO A 53 -12.70 8.20 -2.75
N VAL A 54 -12.78 8.01 -4.06
CA VAL A 54 -14.05 7.61 -4.64
C VAL A 54 -13.93 6.25 -5.32
N LYS A 55 -12.77 5.96 -5.93
CA LYS A 55 -12.65 4.72 -6.68
C LYS A 55 -11.19 4.38 -6.86
N GLU A 56 -10.84 3.13 -6.57
CA GLU A 56 -9.48 2.63 -6.82
C GLU A 56 -9.61 1.40 -7.69
N VAL A 57 -8.82 1.35 -8.78
CA VAL A 57 -8.81 0.19 -9.66
C VAL A 57 -7.38 -0.30 -9.90
N GLY A 58 -7.31 -1.60 -10.21
CA GLY A 58 -6.07 -2.24 -10.63
C GLY A 58 -6.09 -2.43 -12.14
N MET A 59 -4.95 -2.17 -12.79
CA MET A 59 -4.77 -2.46 -14.20
C MET A 59 -3.91 -3.71 -14.32
N TYR A 60 -4.12 -4.49 -15.39
CA TYR A 60 -3.21 -5.57 -15.75
C TYR A 60 -2.06 -5.00 -16.56
N GLY A 61 -1.33 -4.07 -15.93
CA GLY A 61 -0.18 -3.44 -16.55
C GLY A 61 0.44 -2.40 -15.63
N LYS A 62 1.71 -2.08 -15.88
CA LYS A 62 2.36 -0.96 -15.25
C LYS A 62 1.97 0.34 -15.96
N ILE A 63 1.47 1.33 -15.21
CA ILE A 63 1.01 2.58 -15.82
C ILE A 63 2.21 3.46 -16.19
N ALA A 64 2.38 3.71 -17.50
CA ALA A 64 3.54 4.45 -18.01
C ALA A 64 3.15 5.87 -18.43
N VAL A 65 1.92 6.02 -18.94
CA VAL A 65 1.34 7.30 -19.33
C VAL A 65 -0.06 7.37 -18.74
N MET A 66 -0.40 8.52 -18.15
CA MET A 66 -1.71 8.79 -17.60
C MET A 66 -2.07 10.26 -17.85
N GLU A 67 -3.03 10.52 -18.76
CA GLU A 67 -3.40 11.88 -19.11
C GLU A 67 -4.92 12.00 -19.30
N LEU A 68 -5.49 13.08 -18.75
CA LEU A 68 -6.88 13.44 -18.97
C LEU A 68 -6.98 14.36 -20.17
N PHE A 69 -8.11 14.26 -20.89
CA PHE A 69 -8.33 15.04 -22.09
C PHE A 69 -9.84 15.07 -22.35
N ARG A 70 -10.31 16.07 -23.11
CA ARG A 70 -11.75 16.18 -23.33
C ARG A 70 -12.07 16.45 -24.79
N PRO A 71 -12.40 15.42 -25.60
CA PRO A 71 -12.84 15.64 -26.97
C PRO A 71 -14.16 16.42 -27.02
N LYS A 72 -14.37 17.13 -28.13
CA LYS A 72 -15.64 17.80 -28.35
C LYS A 72 -16.77 16.77 -28.34
N GLY A 73 -17.90 17.15 -27.72
CA GLY A 73 -19.04 16.27 -27.57
C GLY A 73 -19.05 15.53 -26.22
N GLU A 74 -17.90 15.49 -25.52
CA GLU A 74 -17.82 14.81 -24.23
C GLU A 74 -18.13 15.79 -23.10
N SER A 75 -18.94 15.35 -22.14
CA SER A 75 -19.40 16.23 -21.06
C SER A 75 -18.40 16.27 -19.90
N LYS A 76 -17.48 15.30 -19.83
CA LYS A 76 -16.41 15.33 -18.84
C LYS A 76 -15.15 14.72 -19.44
N ASP A 77 -14.04 14.77 -18.70
CA ASP A 77 -12.77 14.30 -19.24
C ASP A 77 -12.80 12.78 -19.46
N LEU A 78 -12.09 12.32 -20.49
CA LEU A 78 -11.72 10.93 -20.63
C LEU A 78 -10.26 10.74 -20.19
N LEU A 79 -9.86 9.48 -19.97
CA LEU A 79 -8.54 9.17 -19.43
C LEU A 79 -7.80 8.29 -20.42
N PHE A 80 -6.61 8.73 -20.85
CA PHE A 80 -5.70 7.90 -21.64
C PHE A 80 -4.67 7.25 -20.71
N ILE A 81 -4.55 5.92 -20.81
CA ILE A 81 -3.52 5.14 -20.14
C ILE A 81 -2.74 4.37 -21.18
N LEU A 82 -1.42 4.32 -21.00
CA LEU A 82 -0.56 3.40 -21.74
C LEU A 82 0.21 2.60 -20.71
N THR A 83 0.27 1.27 -20.89
CA THR A 83 1.05 0.44 -19.98
C THR A 83 2.46 0.28 -20.52
N ALA A 84 3.36 -0.26 -19.68
CA ALA A 84 4.75 -0.52 -20.04
C ALA A 84 4.85 -1.61 -21.10
N LYS A 85 3.81 -2.46 -21.23
CA LYS A 85 3.73 -3.44 -22.31
C LYS A 85 2.92 -2.90 -23.50
N TYR A 86 2.67 -1.59 -23.54
CA TYR A 86 2.17 -0.90 -24.74
C TYR A 86 0.68 -1.15 -24.96
N ASN A 87 -0.06 -1.53 -23.89
CA ASN A 87 -1.51 -1.52 -23.93
C ASN A 87 -2.01 -0.09 -23.80
N ALA A 88 -2.73 0.39 -24.82
CA ALA A 88 -3.33 1.71 -24.81
C ALA A 88 -4.83 1.59 -24.57
N CYS A 89 -5.38 2.50 -23.79
CA CYS A 89 -6.83 2.58 -23.65
C CYS A 89 -7.29 4.01 -23.39
N ILE A 90 -8.56 4.25 -23.76
CA ILE A 90 -9.26 5.47 -23.39
C ILE A 90 -10.39 5.03 -22.46
N LEU A 91 -10.48 5.70 -21.29
CA LEU A 91 -11.36 5.29 -20.21
C LEU A 91 -12.33 6.40 -19.84
N GLU A 92 -13.53 5.99 -19.39
CA GLU A 92 -14.59 6.87 -18.96
C GLU A 92 -15.12 6.41 -17.61
N TYR A 93 -15.30 7.37 -16.70
CA TYR A 93 -15.89 7.11 -15.39
C TYR A 93 -17.41 7.12 -15.53
N LYS A 94 -18.08 6.05 -15.07
CA LYS A 94 -19.53 6.00 -15.11
C LYS A 94 -20.05 5.54 -13.75
N GLN A 95 -20.95 6.35 -13.17
CA GLN A 95 -21.60 6.01 -11.92
C GLN A 95 -23.09 5.86 -12.17
N SER A 96 -23.61 4.64 -11.98
CA SER A 96 -25.05 4.37 -12.06
C SER A 96 -25.59 4.06 -10.67
N GLY A 97 -26.11 5.10 -10.01
CA GLY A 97 -26.53 5.01 -8.62
C GLY A 97 -25.33 4.89 -7.70
N GLU A 98 -25.27 3.79 -6.94
CA GLU A 98 -24.20 3.53 -6.01
C GLU A 98 -23.07 2.78 -6.72
N SER A 99 -23.37 2.25 -7.92
CA SER A 99 -22.41 1.44 -8.68
C SER A 99 -21.49 2.33 -9.52
N ILE A 100 -20.18 2.04 -9.48
CA ILE A 100 -19.15 2.82 -10.15
C ILE A 100 -18.34 1.90 -11.05
N ASP A 101 -18.25 2.26 -12.34
CA ASP A 101 -17.57 1.44 -13.33
C ASP A 101 -16.67 2.32 -14.19
N ILE A 102 -15.48 1.79 -14.51
CA ILE A 102 -14.61 2.39 -15.50
C ILE A 102 -14.89 1.70 -16.84
N ILE A 103 -15.41 2.45 -17.82
CA ILE A 103 -15.74 1.94 -19.15
C ILE A 103 -14.52 2.10 -20.07
N THR A 104 -14.26 1.09 -20.92
CA THR A 104 -13.23 1.18 -21.95
C THR A 104 -13.89 1.69 -23.23
N ARG A 105 -13.51 2.89 -23.66
CA ARG A 105 -14.06 3.51 -24.86
C ARG A 105 -13.28 3.08 -26.10
N ALA A 106 -12.01 2.75 -25.92
CA ALA A 106 -11.14 2.36 -27.03
C ALA A 106 -9.94 1.64 -26.43
N HIS A 107 -9.39 0.65 -27.14
CA HIS A 107 -8.18 0.02 -26.68
C HIS A 107 -7.43 -0.65 -27.82
N GLY A 108 -6.11 -0.78 -27.66
CA GLY A 108 -5.30 -1.59 -28.56
C GLY A 108 -3.84 -1.56 -28.12
N ASN A 109 -3.04 -2.49 -28.64
CA ASN A 109 -1.64 -2.55 -28.30
C ASN A 109 -0.85 -1.83 -29.39
N VAL A 110 0.09 -0.97 -28.99
CA VAL A 110 0.76 -0.09 -29.92
C VAL A 110 2.24 -0.41 -30.02
N GLN A 111 2.68 -1.62 -29.63
CA GLN A 111 4.09 -1.92 -29.77
C GLN A 111 4.42 -2.08 -31.27
N ASP A 112 5.67 -1.81 -31.64
CA ASP A 112 6.18 -2.07 -32.98
C ASP A 112 6.90 -3.41 -32.96
N ARG A 113 7.24 -3.96 -34.14
CA ARG A 113 7.90 -5.24 -34.27
C ARG A 113 9.41 -5.13 -34.02
N ILE A 114 10.10 -4.32 -34.82
CA ILE A 114 11.46 -3.94 -34.47
C ILE A 114 11.33 -2.73 -33.54
N GLY A 115 12.32 -2.55 -32.69
CA GLY A 115 12.30 -1.47 -31.73
C GLY A 115 12.96 -1.89 -30.42
N ARG A 116 14.06 -1.20 -30.13
CA ARG A 116 14.68 -1.17 -28.82
C ARG A 116 14.00 -0.04 -28.03
N PRO A 117 13.35 -0.35 -26.89
CA PRO A 117 12.76 0.70 -26.05
C PRO A 117 13.74 1.85 -25.87
N SER A 118 13.29 3.09 -26.11
CA SER A 118 14.13 4.23 -25.85
C SER A 118 14.70 4.15 -24.44
N GLU A 119 15.99 4.49 -24.31
CA GLU A 119 16.69 4.45 -23.04
C GLU A 119 16.03 5.41 -22.05
N THR A 120 15.50 6.55 -22.55
CA THR A 120 14.96 7.63 -21.72
C THR A 120 13.46 7.47 -21.45
N GLY A 121 12.90 6.31 -21.79
CA GLY A 121 11.57 5.92 -21.33
C GLY A 121 10.47 6.34 -22.31
N ILE A 122 9.26 5.87 -22.01
CA ILE A 122 8.08 6.19 -22.80
C ILE A 122 7.66 7.62 -22.47
N ILE A 123 7.36 8.39 -23.52
CA ILE A 123 6.68 9.68 -23.36
C ILE A 123 5.39 9.61 -24.15
N GLY A 124 4.29 9.99 -23.51
CA GLY A 124 3.02 10.11 -24.19
C GLY A 124 2.42 11.49 -23.94
N ILE A 125 1.90 12.11 -25.02
CA ILE A 125 1.42 13.48 -24.99
C ILE A 125 0.15 13.57 -25.81
N ILE A 126 -0.72 14.52 -25.44
CA ILE A 126 -2.01 14.70 -26.09
C ILE A 126 -2.14 16.14 -26.55
N ASP A 127 -2.53 16.28 -27.81
CA ASP A 127 -2.71 17.60 -28.41
C ASP A 127 -3.78 18.34 -27.60
N PRO A 128 -3.59 19.64 -27.29
CA PRO A 128 -4.63 20.41 -26.59
C PRO A 128 -6.01 20.43 -27.23
N GLU A 129 -6.08 20.26 -28.56
CA GLU A 129 -7.34 20.24 -29.28
C GLU A 129 -7.83 18.81 -29.49
N CYS A 130 -7.12 17.83 -28.89
CA CYS A 130 -7.50 16.42 -28.95
C CYS A 130 -7.54 15.92 -30.39
N ARG A 131 -6.62 16.38 -31.23
CA ARG A 131 -6.56 15.92 -32.60
C ARG A 131 -5.81 14.59 -32.66
N MET A 132 -4.90 14.35 -31.72
CA MET A 132 -4.09 13.14 -31.75
C MET A 132 -3.38 12.92 -30.41
N ILE A 133 -2.96 11.67 -30.20
CA ILE A 133 -2.04 11.28 -29.15
C ILE A 133 -0.69 10.99 -29.81
N GLY A 134 0.39 11.49 -29.22
CA GLY A 134 1.73 11.25 -29.72
C GLY A 134 2.52 10.44 -28.70
N LEU A 135 3.26 9.42 -29.18
CA LEU A 135 4.07 8.57 -28.30
C LEU A 135 5.50 8.52 -28.81
N ARG A 136 6.46 8.68 -27.88
CA ARG A 136 7.86 8.41 -28.13
C ARG A 136 8.19 7.11 -27.40
N LEU A 137 8.19 6.00 -28.17
CA LEU A 137 8.44 4.68 -27.63
C LEU A 137 9.87 4.23 -27.93
N TYR A 138 10.35 4.53 -29.15
CA TYR A 138 11.65 4.07 -29.64
C TYR A 138 12.41 5.24 -30.24
N ASP A 139 13.74 5.23 -30.17
CA ASP A 139 14.53 6.27 -30.83
C ASP A 139 14.27 6.23 -32.34
N GLY A 140 14.15 7.43 -32.93
CA GLY A 140 14.02 7.58 -34.38
C GLY A 140 12.60 7.53 -34.90
N LEU A 141 11.62 7.37 -33.99
CA LEU A 141 10.23 7.20 -34.40
C LEU A 141 9.29 8.00 -33.50
N PHE A 142 8.26 8.60 -34.08
CA PHE A 142 7.20 9.25 -33.32
C PHE A 142 5.87 8.64 -33.74
N LYS A 143 5.15 8.04 -32.78
CA LYS A 143 3.94 7.31 -33.08
C LYS A 143 2.74 8.21 -32.84
N VAL A 144 1.83 8.24 -33.83
CA VAL A 144 0.66 9.08 -33.75
C VAL A 144 -0.59 8.20 -33.73
N ILE A 145 -1.47 8.42 -32.74
CA ILE A 145 -2.81 7.85 -32.73
C ILE A 145 -3.81 8.95 -33.06
N PRO A 146 -4.38 8.99 -34.28
CA PRO A 146 -5.41 9.97 -34.61
C PRO A 146 -6.63 9.72 -33.72
N LEU A 147 -7.25 10.80 -33.22
CA LEU A 147 -8.44 10.69 -32.39
C LEU A 147 -9.68 11.00 -33.24
N ASP A 148 -10.03 10.05 -34.12
CA ASP A 148 -11.33 9.99 -34.77
C ASP A 148 -12.27 9.15 -33.91
N ARG A 149 -13.57 9.37 -34.09
CA ARG A 149 -14.61 8.65 -33.35
C ARG A 149 -14.60 7.18 -33.77
N ASP A 150 -14.11 6.91 -34.99
CA ASP A 150 -14.08 5.55 -35.51
C ASP A 150 -12.82 4.79 -35.08
N ASN A 151 -11.87 5.43 -34.38
CA ASN A 151 -10.60 4.78 -34.06
C ASN A 151 -10.67 4.09 -32.69
N LYS A 152 -11.61 3.14 -32.57
CA LYS A 152 -11.83 2.41 -31.32
C LYS A 152 -10.72 1.40 -31.06
N GLU A 153 -9.93 1.03 -32.09
CA GLU A 153 -8.82 0.10 -31.89
C GLU A 153 -7.49 0.83 -31.69
N LEU A 154 -7.50 2.17 -31.64
CA LEU A 154 -6.30 2.99 -31.42
C LEU A 154 -5.20 2.61 -32.41
N LYS A 155 -5.59 2.50 -33.68
CA LYS A 155 -4.65 2.27 -34.77
C LYS A 155 -3.79 3.52 -34.93
N ALA A 156 -2.49 3.29 -35.18
CA ALA A 156 -1.50 4.35 -35.16
C ALA A 156 -0.61 4.24 -36.39
N PHE A 157 0.10 5.32 -36.67
CA PHE A 157 1.15 5.28 -37.69
C PHE A 157 2.41 5.90 -37.09
N ASN A 158 3.56 5.53 -37.66
CA ASN A 158 4.86 6.03 -37.24
C ASN A 158 5.32 7.10 -38.22
N ILE A 159 5.95 8.15 -37.66
CA ILE A 159 6.68 9.15 -38.41
C ILE A 159 8.16 8.99 -38.05
N ARG A 160 9.00 8.97 -39.08
CA ARG A 160 10.44 9.05 -38.89
C ARG A 160 10.81 10.38 -38.23
N LEU A 161 11.63 10.27 -37.18
CA LEU A 161 12.14 11.43 -36.47
C LEU A 161 13.67 11.44 -36.66
N GLU A 162 14.17 12.46 -37.36
CA GLU A 162 15.58 12.55 -37.71
C GLU A 162 16.43 12.64 -36.46
N GLU A 163 15.93 13.34 -35.44
CA GLU A 163 16.61 13.44 -34.16
C GLU A 163 16.39 12.16 -33.35
N LEU A 164 17.49 11.41 -33.15
CA LEU A 164 17.48 10.09 -32.52
C LEU A 164 17.38 10.16 -30.99
N HIS A 165 17.85 11.25 -30.38
CA HIS A 165 17.99 11.32 -28.93
C HIS A 165 17.13 12.46 -28.39
N VAL A 166 15.81 12.20 -28.27
CA VAL A 166 14.88 13.18 -27.73
C VAL A 166 14.93 13.10 -26.21
N ILE A 167 15.05 14.27 -25.57
CA ILE A 167 15.07 14.39 -24.12
C ILE A 167 13.64 14.56 -23.58
N ASP A 168 12.88 15.50 -24.15
CA ASP A 168 11.48 15.70 -23.77
C ASP A 168 10.76 16.33 -24.93
N VAL A 169 9.41 16.22 -24.91
CA VAL A 169 8.57 16.71 -25.99
C VAL A 169 7.17 17.00 -25.45
N LYS A 170 6.55 18.07 -25.99
CA LYS A 170 5.18 18.45 -25.68
C LYS A 170 4.49 18.94 -26.96
N PHE A 171 3.15 18.85 -26.96
CA PHE A 171 2.33 19.52 -27.96
C PHE A 171 2.15 20.98 -27.52
N LEU A 172 2.25 21.91 -28.48
CA LEU A 172 2.06 23.32 -28.16
C LEU A 172 0.59 23.71 -28.20
N TYR A 173 0.27 24.77 -27.42
CA TYR A 173 -1.03 25.42 -27.43
C TYR A 173 -1.04 26.49 -28.52
N GLY A 174 -2.24 26.84 -29.00
CA GLY A 174 -2.46 28.01 -29.85
C GLY A 174 -2.02 27.81 -31.28
N CYS A 175 -2.00 26.56 -31.77
CA CYS A 175 -1.48 26.26 -33.11
C CYS A 175 -2.61 25.74 -34.02
N GLN A 176 -2.59 26.17 -35.28
CA GLN A 176 -3.60 25.81 -36.24
C GLN A 176 -3.43 24.36 -36.69
N ALA A 177 -2.18 23.90 -36.77
CA ALA A 177 -1.87 22.49 -36.94
C ALA A 177 -1.25 21.95 -35.65
N PRO A 178 -1.49 20.67 -35.29
CA PRO A 178 -0.83 20.05 -34.14
C PRO A 178 0.68 20.19 -34.26
N THR A 179 1.33 20.67 -33.20
CA THR A 179 2.73 21.05 -33.26
C THR A 179 3.46 20.52 -32.03
N ILE A 180 4.60 19.85 -32.25
CA ILE A 180 5.42 19.40 -31.14
C ILE A 180 6.63 20.33 -31.00
N CYS A 181 7.05 20.48 -29.74
CA CYS A 181 8.28 21.16 -29.37
C CYS A 181 9.09 20.18 -28.53
N PHE A 182 10.37 19.95 -28.89
CA PHE A 182 11.17 18.98 -28.17
C PHE A 182 12.63 19.44 -28.07
N VAL A 183 13.29 18.95 -27.02
CA VAL A 183 14.72 19.08 -26.82
C VAL A 183 15.38 17.79 -27.29
N TYR A 184 16.47 17.90 -28.05
CA TYR A 184 17.22 16.73 -28.46
C TYR A 184 18.71 17.00 -28.32
N GLN A 185 19.49 15.91 -28.31
CA GLN A 185 20.94 15.97 -28.15
C GLN A 185 21.62 15.37 -29.38
N ASP A 186 22.66 16.07 -29.87
CA ASP A 186 23.52 15.55 -30.92
C ASP A 186 24.97 15.90 -30.54
N PRO A 187 25.99 15.59 -31.37
CA PRO A 187 27.38 15.93 -31.04
C PRO A 187 27.66 17.42 -30.82
N GLN A 188 26.87 18.28 -31.47
CA GLN A 188 27.01 19.73 -31.35
C GLN A 188 26.37 20.28 -30.07
N GLY A 189 25.71 19.43 -29.27
CA GLY A 189 25.06 19.87 -28.05
C GLY A 189 23.55 19.59 -28.05
N ARG A 190 22.81 20.32 -27.22
CA ARG A 190 21.36 20.18 -27.13
C ARG A 190 20.68 21.36 -27.79
N HIS A 191 19.50 21.10 -28.36
CA HIS A 191 18.78 22.05 -29.18
C HIS A 191 17.29 21.89 -28.92
N VAL A 192 16.51 22.96 -29.16
CA VAL A 192 15.06 22.90 -29.15
C VAL A 192 14.61 23.12 -30.58
N LYS A 193 13.62 22.31 -31.01
CA LYS A 193 13.07 22.37 -32.34
C LYS A 193 11.57 22.10 -32.28
N THR A 194 10.86 22.47 -33.34
CA THR A 194 9.44 22.22 -33.47
C THR A 194 9.17 21.50 -34.79
N TYR A 195 8.03 20.80 -34.84
CA TYR A 195 7.47 20.28 -36.08
C TYR A 195 5.94 20.31 -36.02
N GLU A 196 5.30 20.57 -37.16
CA GLU A 196 3.87 20.33 -37.30
C GLU A 196 3.65 18.87 -37.69
N VAL A 197 2.53 18.32 -37.25
CA VAL A 197 2.18 16.94 -37.52
C VAL A 197 1.00 16.94 -38.48
N SER A 198 1.23 16.51 -39.74
CA SER A 198 0.21 16.45 -40.78
C SER A 198 -0.50 15.11 -40.80
N LEU A 199 -1.80 15.08 -40.50
CA LEU A 199 -2.58 13.85 -40.57
C LEU A 199 -2.78 13.43 -42.02
N ARG A 200 -2.89 14.39 -42.95
CA ARG A 200 -3.02 14.11 -44.36
C ARG A 200 -1.82 13.38 -44.95
N GLU A 201 -0.61 13.85 -44.62
CA GLU A 201 0.61 13.34 -45.21
C GLU A 201 1.21 12.22 -44.34
N LYS A 202 0.76 12.09 -43.09
CA LYS A 202 1.34 11.16 -42.13
C LYS A 202 2.84 11.42 -41.99
N GLU A 203 3.18 12.70 -41.78
N GLU A 203 3.19 12.71 -41.86
CA GLU A 203 4.55 13.17 -41.80
CA GLU A 203 4.58 13.16 -41.83
C GLU A 203 4.65 14.46 -40.98
C GLU A 203 4.65 14.43 -40.97
N PHE A 204 5.88 14.82 -40.61
CA PHE A 204 6.14 16.12 -40.04
C PHE A 204 6.22 17.20 -41.12
N ASN A 205 5.78 18.43 -40.78
CA ASN A 205 6.04 19.60 -41.59
C ASN A 205 6.90 20.56 -40.78
N LYS A 206 7.45 21.57 -41.46
CA LYS A 206 8.27 22.60 -40.82
C LYS A 206 7.47 23.24 -39.68
N GLY A 207 8.11 23.38 -38.52
CA GLY A 207 7.47 23.95 -37.34
C GLY A 207 7.46 25.47 -37.41
N PRO A 208 6.68 26.14 -36.52
CA PRO A 208 6.45 27.58 -36.63
C PRO A 208 7.63 28.44 -36.19
N TRP A 209 8.58 27.87 -35.45
CA TRP A 209 9.76 28.64 -35.11
C TRP A 209 11.02 27.79 -35.16
N LYS A 210 12.11 28.44 -35.56
CA LYS A 210 13.34 27.76 -35.94
C LYS A 210 14.05 27.29 -34.68
N GLN A 211 14.97 26.34 -34.86
CA GLN A 211 15.58 25.69 -33.72
C GLN A 211 16.55 26.67 -33.04
N GLU A 212 16.78 26.45 -31.75
CA GLU A 212 17.78 27.21 -31.01
C GLU A 212 18.65 26.21 -30.25
N ASN A 213 19.92 26.58 -30.03
CA ASN A 213 20.77 25.88 -29.09
C ASN A 213 20.29 26.23 -27.70
N VAL A 214 20.27 25.23 -26.80
CA VAL A 214 19.83 25.41 -25.43
C VAL A 214 20.97 24.93 -24.55
N GLU A 215 20.76 25.04 -23.26
CA GLU A 215 21.72 24.59 -22.27
C GLU A 215 22.07 23.11 -22.44
N ALA A 216 23.32 22.77 -22.06
CA ALA A 216 23.84 21.43 -22.18
C ALA A 216 22.98 20.42 -21.41
N GLU A 217 22.36 20.86 -20.30
CA GLU A 217 21.55 19.96 -19.49
C GLU A 217 20.08 20.38 -19.48
N ALA A 218 19.61 21.02 -20.56
CA ALA A 218 18.18 21.26 -20.75
C ALA A 218 17.43 19.93 -20.71
N SER A 219 16.41 19.78 -19.84
CA SER A 219 15.84 18.45 -19.62
C SER A 219 14.31 18.40 -19.66
N MET A 220 13.62 19.53 -19.58
CA MET A 220 12.16 19.48 -19.55
C MET A 220 11.56 20.58 -20.42
N VAL A 221 10.49 20.22 -21.11
CA VAL A 221 9.71 21.14 -21.91
C VAL A 221 8.35 21.35 -21.25
N ILE A 222 7.99 22.62 -21.07
CA ILE A 222 6.66 23.04 -20.63
C ILE A 222 5.98 23.79 -21.79
N ALA A 223 4.77 23.34 -22.15
CA ALA A 223 3.92 24.00 -23.14
C ALA A 223 3.01 24.99 -22.40
N VAL A 224 3.18 26.29 -22.64
CA VAL A 224 2.50 27.32 -21.88
C VAL A 224 1.18 27.61 -22.57
N PRO A 225 0.04 27.59 -21.86
CA PRO A 225 -1.25 27.87 -22.50
C PRO A 225 -1.34 29.30 -23.02
N GLU A 226 -2.40 29.55 -23.82
CA GLU A 226 -2.76 30.91 -24.19
C GLU A 226 -3.05 31.67 -22.90
N PRO A 227 -2.79 32.99 -22.83
CA PRO A 227 -2.40 33.79 -23.99
C PRO A 227 -0.91 33.87 -24.31
N PHE A 228 -0.05 33.25 -23.49
CA PHE A 228 1.38 33.28 -23.78
C PHE A 228 1.68 32.45 -25.02
N GLY A 229 1.19 31.20 -25.05
CA GLY A 229 1.72 30.20 -25.95
C GLY A 229 3.21 29.95 -25.68
N GLY A 230 3.81 29.17 -26.57
CA GLY A 230 5.24 28.94 -26.56
C GLY A 230 5.64 27.84 -25.56
N ALA A 231 6.94 27.79 -25.28
CA ALA A 231 7.53 26.73 -24.48
C ALA A 231 8.58 27.30 -23.52
N ILE A 232 8.57 26.77 -22.29
CA ILE A 232 9.61 26.94 -21.31
C ILE A 232 10.50 25.69 -21.29
N ILE A 233 11.81 25.93 -21.28
CA ILE A 233 12.84 24.89 -21.25
C ILE A 233 13.62 25.06 -19.95
N ILE A 234 13.58 24.03 -19.09
CA ILE A 234 14.26 24.04 -17.81
C ILE A 234 15.57 23.25 -17.97
N GLY A 235 16.68 23.89 -17.60
CA GLY A 235 17.96 23.20 -17.49
C GLY A 235 18.48 23.24 -16.06
N GLN A 236 19.78 22.93 -15.89
CA GLN A 236 20.40 22.87 -14.58
C GLN A 236 20.72 24.28 -14.07
N GLU A 237 21.07 25.20 -14.96
CA GLU A 237 21.40 26.55 -14.51
C GLU A 237 20.68 27.65 -15.29
N SER A 238 19.72 27.27 -16.15
CA SER A 238 18.98 28.25 -16.91
C SER A 238 17.52 27.82 -17.10
N ILE A 239 16.66 28.82 -17.29
CA ILE A 239 15.28 28.63 -17.72
C ILE A 239 15.05 29.55 -18.91
N THR A 240 14.57 28.99 -20.04
CA THR A 240 14.36 29.79 -21.25
C THR A 240 12.92 29.66 -21.73
N TYR A 241 12.43 30.72 -22.38
CA TYR A 241 11.13 30.74 -23.03
C TYR A 241 11.34 31.01 -24.51
N HIS A 242 10.58 30.30 -25.34
CA HIS A 242 10.67 30.36 -26.79
C HIS A 242 9.27 30.51 -27.34
N ASN A 243 9.11 31.42 -28.32
CA ASN A 243 7.88 31.48 -29.10
C ASN A 243 8.15 31.98 -30.52
N GLY A 244 9.42 31.95 -30.95
CA GLY A 244 9.79 32.22 -32.33
C GLY A 244 10.53 33.54 -32.44
N ASP A 245 9.80 34.58 -32.86
CA ASP A 245 10.28 35.95 -32.73
C ASP A 245 10.21 36.39 -31.26
N LYS A 246 10.31 35.41 -30.33
CA LYS A 246 10.41 35.68 -28.91
C LYS A 246 11.40 34.68 -28.30
N TYR A 247 12.39 35.19 -27.57
CA TYR A 247 13.38 34.39 -26.85
C TYR A 247 13.71 35.11 -25.56
N LEU A 248 13.54 34.45 -24.41
CA LEU A 248 13.89 35.05 -23.12
C LEU A 248 14.54 34.01 -22.23
N ALA A 249 15.70 34.32 -21.65
CA ALA A 249 16.42 33.36 -20.82
C ALA A 249 16.85 34.01 -19.50
N ILE A 250 16.75 33.25 -18.41
CA ILE A 250 17.33 33.66 -17.13
C ILE A 250 18.30 32.57 -16.65
N ALA A 251 19.25 32.99 -15.80
CA ALA A 251 20.20 32.07 -15.19
C ALA A 251 20.26 32.34 -13.69
N PRO A 252 19.20 31.96 -12.94
CA PRO A 252 19.13 32.30 -11.52
C PRO A 252 19.98 31.36 -10.67
N PRO A 253 20.98 31.86 -9.92
CA PRO A 253 21.84 31.01 -9.09
C PRO A 253 21.10 30.07 -8.13
N ILE A 254 19.91 30.46 -7.69
CA ILE A 254 19.16 29.75 -6.66
C ILE A 254 18.81 28.32 -7.08
N ILE A 255 18.82 27.98 -8.38
CA ILE A 255 18.42 26.64 -8.83
C ILE A 255 19.63 25.76 -9.13
N LYS A 256 20.84 26.31 -9.01
CA LYS A 256 22.04 25.64 -9.50
C LYS A 256 22.44 24.46 -8.61
N GLN A 257 21.97 24.44 -7.35
CA GLN A 257 22.42 23.46 -6.38
C GLN A 257 21.91 22.04 -6.68
N SER A 258 20.69 21.90 -7.20
CA SER A 258 20.07 20.58 -7.39
C SER A 258 19.20 20.60 -8.65
N THR A 259 19.14 19.47 -9.38
CA THR A 259 18.43 19.44 -10.64
C THR A 259 16.92 19.52 -10.37
N ILE A 260 16.24 20.33 -11.17
CA ILE A 260 14.80 20.42 -11.15
C ILE A 260 14.28 19.29 -12.00
N VAL A 261 13.35 18.50 -11.42
CA VAL A 261 12.89 17.27 -12.03
C VAL A 261 11.38 17.21 -12.19
N CYS A 262 10.61 18.18 -11.68
CA CYS A 262 9.18 18.17 -11.98
C CYS A 262 8.59 19.58 -11.97
N HIS A 263 7.47 19.72 -12.69
CA HIS A 263 6.79 21.00 -12.83
C HIS A 263 5.28 20.78 -12.76
N ASN A 264 4.56 21.85 -12.40
CA ASN A 264 3.11 21.84 -12.41
C ASN A 264 2.60 23.27 -12.63
N ARG A 265 1.57 23.41 -13.47
CA ARG A 265 0.95 24.70 -13.72
C ARG A 265 0.00 25.05 -12.58
N VAL A 266 0.16 26.24 -11.97
CA VAL A 266 -0.68 26.67 -10.86
C VAL A 266 -1.92 27.37 -11.42
N ASP A 267 -1.69 28.33 -12.32
CA ASP A 267 -2.77 29.14 -12.88
C ASP A 267 -3.10 28.64 -14.27
N PRO A 268 -4.40 28.52 -14.62
CA PRO A 268 -4.81 28.02 -15.93
C PRO A 268 -4.17 28.76 -17.10
N ASN A 269 -3.81 30.03 -16.93
CA ASN A 269 -3.26 30.82 -18.02
C ASN A 269 -1.73 30.80 -18.04
N GLY A 270 -1.10 30.08 -17.10
CA GLY A 270 0.33 29.83 -17.15
C GLY A 270 1.17 30.89 -16.45
N SER A 271 0.54 31.74 -15.61
CA SER A 271 1.26 32.84 -14.98
C SER A 271 2.24 32.33 -13.92
N ARG A 272 1.96 31.14 -13.38
CA ARG A 272 2.76 30.57 -12.30
C ARG A 272 2.83 29.06 -12.45
N TYR A 273 4.02 28.52 -12.15
CA TYR A 273 4.33 27.10 -12.14
C TYR A 273 5.10 26.78 -10.87
N LEU A 274 4.85 25.58 -10.32
CA LEU A 274 5.69 24.99 -9.29
C LEU A 274 6.79 24.17 -9.96
N LEU A 275 7.97 24.18 -9.34
CA LEU A 275 9.12 23.40 -9.76
C LEU A 275 9.67 22.69 -8.53
N GLY A 276 10.02 21.40 -8.66
CA GLY A 276 10.63 20.65 -7.58
C GLY A 276 11.99 20.10 -8.00
N ASP A 277 12.94 20.02 -7.06
CA ASP A 277 14.28 19.53 -7.34
C ASP A 277 14.58 18.26 -6.53
N MET A 278 15.78 17.72 -6.77
N MET A 278 15.77 17.68 -6.77
CA MET A 278 16.18 16.41 -6.25
CA MET A 278 16.12 16.39 -6.20
C MET A 278 16.47 16.46 -4.75
C MET A 278 16.38 16.45 -4.70
N GLU A 279 16.45 17.66 -4.14
CA GLU A 279 16.66 17.84 -2.71
C GLU A 279 15.38 18.26 -2.01
N GLY A 280 14.25 18.27 -2.72
CA GLY A 280 12.97 18.58 -2.11
C GLY A 280 12.69 20.10 -2.01
N ARG A 281 13.49 20.94 -2.67
N ARG A 281 13.49 20.93 -2.68
CA ARG A 281 13.16 22.36 -2.68
CA ARG A 281 13.21 22.36 -2.75
C ARG A 281 11.97 22.56 -3.61
C ARG A 281 11.98 22.56 -3.63
N LEU A 282 11.08 23.48 -3.22
CA LEU A 282 9.91 23.81 -4.00
C LEU A 282 10.03 25.27 -4.43
N PHE A 283 10.00 25.52 -5.75
CA PHE A 283 10.07 26.88 -6.26
C PHE A 283 8.75 27.28 -6.95
N MET A 284 8.54 28.60 -7.05
CA MET A 284 7.52 29.17 -7.91
C MET A 284 8.25 29.88 -9.05
N LEU A 285 7.84 29.55 -10.30
CA LEU A 285 8.26 30.23 -11.51
C LEU A 285 7.13 31.16 -11.95
N LEU A 286 7.42 32.46 -12.04
CA LEU A 286 6.43 33.46 -12.38
C LEU A 286 6.72 34.06 -13.74
N LEU A 287 5.69 34.06 -14.59
CA LEU A 287 5.77 34.63 -15.93
C LEU A 287 5.11 35.99 -15.86
N GLU A 288 5.88 37.05 -16.13
CA GLU A 288 5.31 38.40 -16.12
C GLU A 288 4.80 38.77 -17.52
N LYS A 289 3.55 39.24 -17.58
CA LYS A 289 2.91 39.65 -18.81
C LYS A 289 3.30 41.06 -19.23
N GLU A 290 3.35 41.28 -20.55
CA GLU A 290 3.41 42.59 -21.15
C GLU A 290 2.23 42.73 -22.13
N GLU A 291 1.51 43.85 -22.02
CA GLU A 291 0.39 44.14 -22.90
C GLU A 291 0.90 44.56 -24.27
N GLN A 292 0.03 44.42 -25.28
CA GLN A 292 0.31 44.89 -26.63
C GLN A 292 -0.92 45.61 -27.18
N MET A 293 -0.68 46.52 -28.14
CA MET A 293 -1.75 47.32 -28.76
C MET A 293 -2.79 46.42 -29.42
N ASP A 294 -2.33 45.32 -30.05
CA ASP A 294 -3.24 44.42 -30.75
C ASP A 294 -3.98 43.48 -29.81
N GLY A 295 -3.76 43.58 -28.49
CA GLY A 295 -4.51 42.80 -27.52
C GLY A 295 -3.87 41.43 -27.21
N THR A 296 -2.80 41.06 -27.91
CA THR A 296 -2.02 39.88 -27.52
C THR A 296 -1.27 40.20 -26.23
N VAL A 297 -0.76 39.14 -25.61
CA VAL A 297 0.02 39.25 -24.40
C VAL A 297 1.36 38.55 -24.66
N THR A 298 2.47 39.23 -24.37
CA THR A 298 3.78 38.61 -24.53
C THR A 298 4.49 38.55 -23.18
N LEU A 299 5.53 37.72 -23.11
CA LEU A 299 6.25 37.48 -21.88
C LEU A 299 7.28 38.58 -21.68
N LYS A 300 7.19 39.28 -20.55
CA LYS A 300 8.09 40.37 -20.25
C LYS A 300 9.34 39.88 -19.52
N ASP A 301 9.18 38.97 -18.54
CA ASP A 301 10.31 38.46 -17.78
C ASP A 301 9.89 37.19 -17.03
N LEU A 302 10.90 36.49 -16.48
CA LEU A 302 10.74 35.26 -15.69
C LEU A 302 11.43 35.46 -14.36
N ARG A 303 10.79 35.02 -13.27
CA ARG A 303 11.39 35.04 -11.94
C ARG A 303 11.19 33.69 -11.27
N VAL A 304 12.17 33.27 -10.46
CA VAL A 304 12.05 32.06 -9.63
C VAL A 304 12.18 32.46 -8.16
N GLU A 305 11.28 31.95 -7.31
CA GLU A 305 11.30 32.21 -5.88
C GLU A 305 11.28 30.89 -5.12
N LEU A 306 12.17 30.73 -4.13
CA LEU A 306 12.18 29.57 -3.24
C LEU A 306 10.99 29.62 -2.28
N LEU A 307 10.18 28.56 -2.23
CA LEU A 307 9.00 28.57 -1.36
C LEU A 307 9.28 27.84 -0.05
N GLY A 308 10.19 26.86 -0.08
CA GLY A 308 10.38 25.98 1.06
C GLY A 308 10.78 24.56 0.63
N GLU A 309 10.51 23.58 1.49
CA GLU A 309 11.01 22.23 1.31
C GLU A 309 9.83 21.25 1.39
N THR A 310 9.79 20.26 0.49
CA THR A 310 8.81 19.17 0.58
C THR A 310 9.59 17.85 0.64
N SER A 311 8.86 16.73 0.65
CA SER A 311 9.46 15.47 0.26
C SER A 311 10.04 15.60 -1.16
N ILE A 312 11.05 14.78 -1.47
CA ILE A 312 11.56 14.72 -2.83
C ILE A 312 10.41 14.31 -3.77
N ALA A 313 10.09 15.19 -4.71
CA ALA A 313 8.87 15.00 -5.48
C ALA A 313 9.18 14.31 -6.82
N GLU A 314 8.44 13.24 -7.12
CA GLU A 314 8.37 12.68 -8.46
C GLU A 314 7.38 13.50 -9.27
N CYS A 315 6.33 13.97 -8.61
CA CYS A 315 5.33 14.79 -9.28
C CYS A 315 4.70 15.76 -8.29
N LEU A 316 4.14 16.85 -8.83
CA LEU A 316 3.47 17.90 -8.05
C LEU A 316 2.13 18.20 -8.72
N THR A 317 1.06 18.42 -7.94
CA THR A 317 -0.19 18.92 -8.48
C THR A 317 -0.76 19.97 -7.53
N TYR A 318 -0.93 21.20 -8.04
CA TYR A 318 -1.67 22.24 -7.33
C TYR A 318 -3.15 21.87 -7.34
N LEU A 319 -3.82 21.97 -6.18
CA LEU A 319 -5.19 21.53 -5.99
C LEU A 319 -6.13 22.68 -5.60
N ASP A 320 -5.72 23.93 -5.80
CA ASP A 320 -6.56 25.10 -5.47
C ASP A 320 -6.53 25.39 -3.97
N ASN A 321 -6.70 26.68 -3.63
CA ASN A 321 -6.71 27.18 -2.27
C ASN A 321 -5.37 26.94 -1.57
N GLY A 322 -4.28 27.02 -2.33
CA GLY A 322 -2.95 26.93 -1.78
C GLY A 322 -2.51 25.49 -1.45
N VAL A 323 -3.35 24.49 -1.78
CA VAL A 323 -3.05 23.10 -1.44
C VAL A 323 -2.33 22.43 -2.62
N VAL A 324 -1.19 21.78 -2.32
CA VAL A 324 -0.36 21.08 -3.29
C VAL A 324 -0.24 19.62 -2.85
N PHE A 325 -0.47 18.69 -3.79
CA PHE A 325 -0.11 17.30 -3.59
C PHE A 325 1.33 17.09 -4.07
N VAL A 326 2.16 16.51 -3.19
CA VAL A 326 3.53 16.15 -3.48
C VAL A 326 3.56 14.63 -3.60
N GLY A 327 3.70 14.12 -4.84
CA GLY A 327 3.84 12.70 -5.10
C GLY A 327 5.30 12.30 -5.04
N SER A 328 5.62 11.36 -4.14
CA SER A 328 7.01 10.98 -3.90
C SER A 328 7.22 9.50 -4.22
N ARG A 329 8.37 9.20 -4.82
CA ARG A 329 8.85 7.85 -5.09
C ARG A 329 9.89 7.44 -4.03
N LEU A 330 10.68 8.40 -3.54
CA LEU A 330 11.78 8.15 -2.62
C LEU A 330 11.45 8.42 -1.15
N GLY A 331 10.31 9.06 -0.88
CA GLY A 331 9.91 9.34 0.50
C GLY A 331 8.38 9.31 0.61
N ASP A 332 7.88 9.77 1.74
CA ASP A 332 6.45 9.89 1.92
C ASP A 332 5.88 10.95 0.99
N SER A 333 4.64 10.72 0.53
CA SER A 333 3.91 11.72 -0.22
C SER A 333 3.25 12.66 0.79
N GLN A 334 2.78 13.81 0.33
CA GLN A 334 2.28 14.84 1.23
C GLN A 334 1.14 15.64 0.59
N LEU A 335 0.32 16.23 1.46
CA LEU A 335 -0.42 17.44 1.14
C LEU A 335 0.28 18.57 1.88
N VAL A 336 0.61 19.65 1.16
CA VAL A 336 1.22 20.81 1.80
C VAL A 336 0.36 22.03 1.46
N LYS A 337 0.47 23.06 2.31
CA LYS A 337 -0.22 24.32 2.08
C LYS A 337 0.81 25.42 1.83
N LEU A 338 0.52 26.28 0.86
CA LEU A 338 1.36 27.41 0.53
C LEU A 338 0.72 28.67 1.13
N ASN A 339 1.46 29.40 1.97
CA ASN A 339 0.93 30.61 2.59
C ASN A 339 1.52 31.84 1.92
N VAL A 340 0.75 32.94 1.91
CA VAL A 340 1.19 34.19 1.31
C VAL A 340 2.35 34.75 2.14
N ASP A 341 2.29 34.57 3.46
CA ASP A 341 3.29 35.10 4.38
C ASP A 341 4.12 33.96 4.93
N SER A 342 5.44 34.18 5.05
CA SER A 342 6.36 33.16 5.49
C SER A 342 6.29 33.01 7.02
N ASN A 343 7.02 32.00 7.53
CA ASN A 343 7.03 31.70 8.96
C ASN A 343 8.36 32.19 9.54
N GLU A 344 8.65 31.81 10.79
CA GLU A 344 9.85 32.22 11.49
C GLU A 344 11.10 31.89 10.69
N GLN A 345 11.17 30.67 10.13
CA GLN A 345 12.36 30.20 9.43
C GLN A 345 12.38 30.66 7.97
N GLY A 346 11.30 31.31 7.49
CA GLY A 346 11.29 31.95 6.19
C GLY A 346 10.62 31.12 5.10
N SER A 347 9.93 30.04 5.49
CA SER A 347 9.28 29.13 4.57
C SER A 347 7.83 29.54 4.32
N TYR A 348 7.36 29.39 3.09
CA TYR A 348 5.95 29.57 2.78
C TYR A 348 5.20 28.23 2.84
N VAL A 349 5.92 27.12 3.03
CA VAL A 349 5.35 25.78 2.93
C VAL A 349 5.07 25.25 4.34
N VAL A 350 3.84 24.77 4.56
CA VAL A 350 3.45 24.06 5.77
C VAL A 350 2.84 22.72 5.37
N ALA A 351 3.37 21.62 5.92
CA ALA A 351 2.84 20.29 5.65
C ALA A 351 1.49 20.10 6.34
N MET A 352 0.53 19.52 5.63
CA MET A 352 -0.80 19.31 6.17
C MET A 352 -0.98 17.83 6.53
N GLU A 353 -0.49 16.96 5.66
CA GLU A 353 -0.73 15.53 5.78
C GLU A 353 0.39 14.76 5.08
N THR A 354 0.72 13.61 5.65
CA THR A 354 1.79 12.74 5.20
C THR A 354 1.16 11.39 4.81
N PHE A 355 1.58 10.80 3.69
CA PHE A 355 1.09 9.49 3.26
C PHE A 355 2.25 8.50 3.15
N THR A 356 2.09 7.32 3.74
CA THR A 356 3.21 6.39 3.92
C THR A 356 3.70 5.87 2.57
N ASN A 357 5.03 5.91 2.37
CA ASN A 357 5.70 5.25 1.26
C ASN A 357 6.84 4.42 1.82
N LEU A 358 6.79 3.11 1.55
CA LEU A 358 7.82 2.19 1.99
C LEU A 358 8.96 2.16 0.98
N GLY A 359 8.74 2.73 -0.22
CA GLY A 359 9.69 2.49 -1.29
C GLY A 359 10.78 3.56 -1.41
N PRO A 360 11.93 3.24 -2.06
CA PRO A 360 12.27 1.86 -2.39
C PRO A 360 12.63 1.05 -1.16
N ILE A 361 12.22 -0.23 -1.14
CA ILE A 361 12.71 -1.16 -0.14
C ILE A 361 13.99 -1.77 -0.69
N VAL A 362 15.15 -1.40 -0.13
CA VAL A 362 16.42 -1.82 -0.70
C VAL A 362 16.99 -3.03 0.04
N ASP A 363 16.53 -3.26 1.29
CA ASP A 363 16.80 -4.48 2.03
C ASP A 363 15.78 -4.55 3.17
N MET A 364 15.68 -5.74 3.75
CA MET A 364 14.75 -5.95 4.86
C MET A 364 15.12 -7.23 5.61
N CYS A 365 14.59 -7.35 6.83
CA CYS A 365 14.71 -8.58 7.58
C CYS A 365 13.47 -8.77 8.45
N VAL A 366 13.24 -10.01 8.90
CA VAL A 366 12.10 -10.34 9.75
C VAL A 366 12.62 -10.68 11.13
N VAL A 367 12.02 -10.08 12.18
CA VAL A 367 12.43 -10.29 13.55
C VAL A 367 11.18 -10.41 14.40
N ASP A 368 11.22 -11.25 15.44
CA ASP A 368 10.16 -11.30 16.43
C ASP A 368 10.46 -10.28 17.53
N LEU A 369 10.26 -8.99 17.24
CA LEU A 369 10.72 -7.88 18.07
C LEU A 369 10.10 -7.92 19.47
N GLU A 370 8.78 -8.19 19.55
CA GLU A 370 8.03 -7.97 20.78
C GLU A 370 7.71 -9.31 21.45
N ARG A 371 7.02 -10.20 20.72
CA ARG A 371 6.67 -11.51 21.23
C ARG A 371 7.22 -12.60 20.29
N GLN A 372 7.42 -13.80 20.84
CA GLN A 372 7.78 -14.98 20.07
C GLN A 372 6.65 -15.35 19.11
N GLY A 373 7.01 -15.73 17.88
CA GLY A 373 6.07 -16.25 16.89
C GLY A 373 5.39 -15.15 16.07
N GLN A 374 5.56 -13.89 16.49
CA GLN A 374 4.97 -12.74 15.82
C GLN A 374 6.03 -11.95 15.06
N GLY A 375 6.25 -12.30 13.78
CA GLY A 375 7.26 -11.65 12.96
C GLY A 375 6.91 -10.19 12.67
N GLN A 376 7.93 -9.32 12.70
CA GLN A 376 7.78 -7.97 12.16
C GLN A 376 8.82 -7.79 11.05
N LEU A 377 8.46 -7.07 10.00
CA LEU A 377 9.38 -6.76 8.92
C LEU A 377 10.04 -5.39 9.20
N VAL A 378 11.37 -5.32 9.13
CA VAL A 378 12.11 -4.07 9.28
C VAL A 378 12.83 -3.80 7.96
N THR A 379 12.41 -2.74 7.25
CA THR A 379 12.93 -2.42 5.93
C THR A 379 13.94 -1.28 6.00
N CYS A 380 14.90 -1.30 5.08
CA CYS A 380 15.62 -0.10 4.67
C CYS A 380 14.83 0.56 3.55
N SER A 381 14.23 1.73 3.82
CA SER A 381 13.30 2.40 2.92
C SER A 381 13.79 3.79 2.52
N GLY A 382 13.43 4.21 1.31
CA GLY A 382 13.65 5.59 0.89
C GLY A 382 15.10 5.85 0.48
N ALA A 383 15.40 7.12 0.19
CA ALA A 383 16.74 7.52 -0.21
C ALA A 383 16.97 8.98 0.17
N PHE A 384 18.26 9.33 0.36
CA PHE A 384 18.70 10.70 0.61
C PHE A 384 18.02 11.19 1.89
N LYS A 385 17.52 12.43 1.92
CA LYS A 385 16.95 12.98 3.14
C LYS A 385 15.73 12.19 3.61
N GLU A 386 15.14 11.38 2.72
CA GLU A 386 13.94 10.62 3.06
C GLU A 386 14.25 9.22 3.62
N GLY A 387 15.53 8.83 3.70
CA GLY A 387 15.87 7.50 4.15
C GLY A 387 15.35 7.19 5.55
N SER A 388 14.90 5.95 5.74
CA SER A 388 14.22 5.55 6.96
C SER A 388 14.38 4.05 7.18
N LEU A 389 14.15 3.64 8.43
CA LEU A 389 13.74 2.27 8.70
C LEU A 389 12.22 2.28 8.84
N ARG A 390 11.58 1.18 8.43
CA ARG A 390 10.16 1.02 8.61
C ARG A 390 9.95 -0.33 9.29
N ILE A 391 9.13 -0.34 10.35
CA ILE A 391 8.79 -1.54 11.07
C ILE A 391 7.31 -1.85 10.82
N ILE A 392 7.07 -2.99 10.18
CA ILE A 392 5.75 -3.36 9.68
C ILE A 392 5.25 -4.59 10.45
N ARG A 393 4.01 -4.51 10.95
CA ARG A 393 3.44 -5.67 11.63
C ARG A 393 1.92 -5.76 11.41
N ASN A 394 1.39 -6.99 11.35
N ASN A 394 1.39 -6.99 11.38
CA ASN A 394 -0.02 -7.24 11.09
CA ASN A 394 -0.03 -7.21 11.12
C ASN A 394 -0.86 -6.86 12.31
C ASN A 394 -0.86 -6.80 12.34
N GLY A 395 -2.09 -6.37 12.08
CA GLY A 395 -3.11 -6.27 13.12
C GLY A 395 -3.10 -4.91 13.83
N ILE A 396 -4.19 -4.66 14.58
CA ILE A 396 -4.46 -3.38 15.21
C ILE A 396 -4.18 -3.51 16.71
N GLY A 397 -3.39 -2.59 17.25
CA GLY A 397 -3.04 -2.61 18.67
C GLY A 397 -4.09 -1.86 19.52
N ILE A 398 -4.11 -2.21 20.81
CA ILE A 398 -4.90 -1.53 21.82
C ILE A 398 -3.95 -1.03 22.90
N HIS A 399 -4.08 0.24 23.33
CA HIS A 399 -3.27 0.75 24.43
C HIS A 399 -4.09 0.74 25.72
N GLU A 400 -3.79 -0.24 26.58
CA GLU A 400 -4.48 -0.45 27.84
C GLU A 400 -4.21 0.70 28.81
N HIS A 401 -5.27 1.25 29.41
CA HIS A 401 -5.14 2.37 30.34
C HIS A 401 -5.75 2.03 31.69
N ALA A 402 -6.52 0.94 31.76
CA ALA A 402 -7.09 0.48 33.02
C ALA A 402 -7.37 -1.01 32.92
N SER A 403 -7.38 -1.67 34.09
CA SER A 403 -7.51 -3.11 34.17
C SER A 403 -8.08 -3.48 35.54
N ILE A 404 -9.30 -4.03 35.54
CA ILE A 404 -9.99 -4.35 36.77
C ILE A 404 -10.35 -5.83 36.75
N ASP A 405 -10.11 -6.50 37.88
CA ASP A 405 -10.47 -7.90 38.03
C ASP A 405 -11.96 -7.96 38.34
N LEU A 406 -12.73 -8.62 37.46
CA LEU A 406 -14.17 -8.52 37.49
C LEU A 406 -14.76 -9.55 36.54
N PRO A 407 -14.97 -10.79 37.02
CA PRO A 407 -15.37 -11.89 36.15
C PRO A 407 -16.86 -11.95 35.84
N GLY A 408 -17.21 -12.65 34.76
CA GLY A 408 -18.58 -13.08 34.48
C GLY A 408 -19.40 -12.01 33.76
N ILE A 409 -18.73 -11.00 33.18
CA ILE A 409 -19.42 -9.91 32.49
C ILE A 409 -20.13 -10.47 31.25
N LYS A 410 -21.38 -10.04 31.07
CA LYS A 410 -22.26 -10.52 30.00
C LYS A 410 -22.72 -9.39 29.08
N GLY A 411 -22.24 -8.16 29.31
CA GLY A 411 -22.61 -7.02 28.48
C GLY A 411 -22.11 -5.73 29.14
N LEU A 412 -21.85 -4.73 28.29
CA LEU A 412 -21.33 -3.43 28.68
C LEU A 412 -22.14 -2.37 27.94
N TRP A 413 -22.52 -1.29 28.64
CA TRP A 413 -23.19 -0.16 28.00
C TRP A 413 -22.71 1.12 28.67
N PRO A 414 -22.31 2.14 27.89
CA PRO A 414 -21.93 3.44 28.45
C PRO A 414 -23.17 4.31 28.57
N LEU A 415 -23.17 5.25 29.52
CA LEU A 415 -24.20 6.29 29.46
C LEU A 415 -23.74 7.57 30.14
N ARG A 416 -24.50 8.63 29.82
CA ARG A 416 -24.34 9.98 30.36
C ARG A 416 -25.41 10.20 31.44
N SER A 417 -25.01 10.13 32.70
CA SER A 417 -25.94 10.29 33.82
C SER A 417 -26.26 11.77 34.05
N ASP A 418 -25.43 12.65 33.49
CA ASP A 418 -25.66 14.08 33.55
C ASP A 418 -26.08 14.58 32.16
N PRO A 419 -27.32 15.10 31.99
CA PRO A 419 -27.77 15.60 30.69
C PRO A 419 -27.09 16.88 30.21
N ASN A 420 -26.29 17.51 31.09
CA ASN A 420 -25.56 18.72 30.75
C ASN A 420 -24.09 18.45 30.40
N ARG A 421 -23.67 17.17 30.38
CA ARG A 421 -22.29 16.83 30.05
C ARG A 421 -22.30 15.91 28.83
N GLU A 422 -21.42 16.21 27.87
CA GLU A 422 -21.36 15.51 26.60
C GLU A 422 -20.72 14.13 26.76
N THR A 423 -19.88 13.95 27.78
CA THR A 423 -19.10 12.74 27.92
C THR A 423 -19.85 11.73 28.78
N ASP A 424 -19.56 10.45 28.53
CA ASP A 424 -20.05 9.36 29.35
C ASP A 424 -19.47 9.49 30.75
N ASP A 425 -20.22 9.05 31.77
CA ASP A 425 -19.70 9.05 33.12
C ASP A 425 -20.06 7.75 33.84
N THR A 426 -20.62 6.79 33.10
CA THR A 426 -21.21 5.59 33.69
C THR A 426 -21.02 4.42 32.74
N LEU A 427 -20.69 3.28 33.32
CA LEU A 427 -20.60 2.02 32.58
C LEU A 427 -21.46 1.01 33.31
N VAL A 428 -22.42 0.43 32.59
CA VAL A 428 -23.31 -0.56 33.14
C VAL A 428 -22.86 -1.94 32.68
N LEU A 429 -22.73 -2.87 33.65
CA LEU A 429 -22.30 -4.24 33.43
C LEU A 429 -23.47 -5.19 33.71
N SER A 430 -23.66 -6.17 32.81
N SER A 430 -23.69 -6.16 32.79
CA SER A 430 -24.56 -7.27 33.08
CA SER A 430 -24.57 -7.28 33.06
C SER A 430 -23.77 -8.51 33.47
C SER A 430 -23.75 -8.49 33.53
N PHE A 431 -24.41 -9.36 34.29
CA PHE A 431 -23.89 -10.66 34.71
C PHE A 431 -25.06 -11.64 34.63
N VAL A 432 -24.78 -12.93 34.77
CA VAL A 432 -25.89 -13.86 34.81
C VAL A 432 -26.83 -13.39 35.92
N GLY A 433 -28.05 -13.03 35.53
CA GLY A 433 -29.12 -12.73 36.48
C GLY A 433 -28.96 -11.42 37.24
N GLN A 434 -27.97 -10.56 36.90
CA GLN A 434 -27.67 -9.38 37.70
C GLN A 434 -27.10 -8.23 36.88
N THR A 435 -27.15 -7.01 37.44
CA THR A 435 -26.59 -5.81 36.82
C THR A 435 -25.80 -5.03 37.86
N ARG A 436 -24.70 -4.38 37.40
CA ARG A 436 -23.95 -3.48 38.25
C ARG A 436 -23.65 -2.20 37.48
N VAL A 437 -23.70 -1.08 38.22
CA VAL A 437 -23.38 0.22 37.66
C VAL A 437 -22.04 0.68 38.20
N LEU A 438 -21.14 1.13 37.31
CA LEU A 438 -19.87 1.74 37.69
C LEU A 438 -19.91 3.22 37.30
N MET A 439 -19.55 4.09 38.25
CA MET A 439 -19.39 5.52 38.01
C MET A 439 -17.91 5.80 37.72
N LEU A 440 -17.66 6.77 36.84
CA LEU A 440 -16.32 7.17 36.46
C LEU A 440 -16.07 8.58 36.97
N ASN A 441 -15.09 8.73 37.88
CA ASN A 441 -14.56 10.02 38.31
C ASN A 441 -13.13 10.14 37.79
N GLY A 442 -12.93 10.91 36.73
CA GLY A 442 -11.64 10.91 36.04
C GLY A 442 -11.21 9.46 35.82
N GLU A 443 -10.06 9.07 36.37
CA GLU A 443 -9.51 7.74 36.14
C GLU A 443 -10.04 6.74 37.16
N GLU A 444 -10.76 7.23 38.17
CA GLU A 444 -11.27 6.35 39.21
C GLU A 444 -12.59 5.73 38.74
N VAL A 445 -12.74 4.43 39.03
CA VAL A 445 -13.87 3.62 38.62
C VAL A 445 -14.46 2.97 39.86
N GLU A 446 -15.74 3.23 40.15
CA GLU A 446 -16.31 2.92 41.45
C GLU A 446 -17.73 2.40 41.31
N GLU A 447 -18.02 1.30 42.01
CA GLU A 447 -19.38 0.79 42.15
C GLU A 447 -20.31 1.88 42.67
N THR A 448 -21.60 1.77 42.32
CA THR A 448 -22.63 2.66 42.82
C THR A 448 -24.01 2.09 42.46
N GLU A 449 -25.06 2.65 43.05
CA GLU A 449 -26.42 2.37 42.63
C GLU A 449 -26.83 3.46 41.62
N LEU A 450 -27.85 3.17 40.81
CA LEU A 450 -28.44 4.20 39.95
C LEU A 450 -29.96 4.06 40.05
N MET A 451 -30.56 5.03 40.75
CA MET A 451 -31.99 4.97 41.05
C MET A 451 -32.73 4.78 39.74
N GLY A 452 -33.73 3.89 39.74
CA GLY A 452 -34.51 3.59 38.55
C GLY A 452 -34.09 2.27 37.93
N PHE A 453 -32.78 1.99 37.94
CA PHE A 453 -32.26 0.72 37.46
C PHE A 453 -32.35 -0.34 38.55
N VAL A 454 -32.59 -1.60 38.15
CA VAL A 454 -32.60 -2.73 39.05
C VAL A 454 -31.26 -3.46 38.95
N ASP A 455 -30.81 -4.06 40.05
CA ASP A 455 -29.52 -4.73 40.10
C ASP A 455 -29.70 -6.24 40.13
N ASP A 456 -30.94 -6.71 40.29
CA ASP A 456 -31.22 -8.12 40.54
C ASP A 456 -31.87 -8.78 39.33
N GLN A 457 -31.69 -8.18 38.14
CA GLN A 457 -32.06 -8.81 36.89
C GLN A 457 -30.90 -8.56 35.92
N GLN A 458 -30.76 -9.45 34.91
CA GLN A 458 -29.74 -9.27 33.88
C GLN A 458 -30.18 -8.19 32.90
N THR A 459 -29.28 -7.25 32.56
CA THR A 459 -29.59 -6.21 31.60
C THR A 459 -29.24 -6.68 30.18
N PHE A 460 -30.15 -6.44 29.24
CA PHE A 460 -29.96 -6.71 27.82
C PHE A 460 -29.66 -5.45 27.01
N PHE A 461 -30.06 -4.29 27.54
CA PHE A 461 -29.72 -3.02 26.94
C PHE A 461 -29.93 -1.93 27.99
N CYS A 462 -29.02 -0.97 28.02
CA CYS A 462 -29.32 0.27 28.74
C CYS A 462 -28.60 1.42 28.06
N GLY A 463 -29.17 2.63 28.20
CA GLY A 463 -28.61 3.79 27.54
C GLY A 463 -29.45 5.05 27.70
N ASN A 464 -28.97 6.13 27.08
CA ASN A 464 -29.70 7.39 26.97
C ASN A 464 -30.76 7.27 25.89
N VAL A 465 -31.95 7.81 26.17
CA VAL A 465 -33.01 7.83 25.20
C VAL A 465 -33.66 9.22 25.19
N ALA A 466 -34.67 9.39 24.33
CA ALA A 466 -35.27 10.69 24.06
C ALA A 466 -35.92 11.30 25.31
N HIS A 467 -36.02 12.64 25.28
CA HIS A 467 -36.72 13.43 26.28
C HIS A 467 -35.95 13.43 27.60
N GLN A 468 -34.61 13.41 27.51
CA GLN A 468 -33.75 13.40 28.68
C GLN A 468 -34.14 12.28 29.64
N GLN A 469 -34.11 11.04 29.13
CA GLN A 469 -34.46 9.86 29.89
C GLN A 469 -33.37 8.80 29.70
N LEU A 470 -33.36 7.82 30.62
CA LEU A 470 -32.53 6.64 30.49
C LEU A 470 -33.45 5.43 30.35
N ILE A 471 -32.94 4.36 29.72
CA ILE A 471 -33.70 3.13 29.64
C ILE A 471 -32.84 1.96 30.13
N GLN A 472 -33.50 0.99 30.77
CA GLN A 472 -32.90 -0.30 31.09
C GLN A 472 -33.86 -1.39 30.65
N ILE A 473 -33.39 -2.32 29.81
CA ILE A 473 -34.20 -3.46 29.40
C ILE A 473 -33.57 -4.69 30.05
N THR A 474 -34.37 -5.40 30.85
CA THR A 474 -33.91 -6.60 31.55
C THR A 474 -34.72 -7.78 31.05
N SER A 475 -34.45 -8.95 31.61
CA SER A 475 -35.27 -10.14 31.36
C SER A 475 -36.72 -9.96 31.82
N ALA A 476 -36.98 -9.04 32.75
CA ALA A 476 -38.31 -8.91 33.34
C ALA A 476 -39.12 -7.77 32.71
N SER A 477 -38.49 -6.65 32.35
CA SER A 477 -39.24 -5.47 31.95
C SER A 477 -38.37 -4.46 31.20
N VAL A 478 -39.05 -3.46 30.62
CA VAL A 478 -38.43 -2.26 30.10
C VAL A 478 -38.70 -1.14 31.08
N ARG A 479 -37.63 -0.50 31.58
CA ARG A 479 -37.72 0.57 32.58
C ARG A 479 -37.24 1.90 32.02
N LEU A 480 -38.11 2.91 32.12
CA LEU A 480 -37.84 4.25 31.63
C LEU A 480 -37.64 5.16 32.84
N VAL A 481 -36.51 5.89 32.86
CA VAL A 481 -36.06 6.63 34.03
C VAL A 481 -35.80 8.09 33.67
N SER A 482 -36.29 9.02 34.50
CA SER A 482 -36.02 10.44 34.30
C SER A 482 -34.56 10.74 34.63
N GLN A 483 -33.99 11.76 33.98
CA GLN A 483 -32.61 12.16 34.28
C GLN A 483 -32.53 12.96 35.59
N GLU A 484 -33.49 13.87 35.83
CA GLU A 484 -33.41 14.74 37.00
C GLU A 484 -34.78 14.88 37.67
N PRO A 485 -35.02 14.26 38.85
CA PRO A 485 -34.07 13.35 39.49
C PRO A 485 -34.22 11.98 38.82
N LYS A 486 -33.38 11.02 39.20
CA LYS A 486 -33.45 9.68 38.64
C LYS A 486 -34.62 8.95 39.30
N ALA A 487 -35.71 8.78 38.56
CA ALA A 487 -36.89 8.10 39.06
C ALA A 487 -37.51 7.28 37.95
N LEU A 488 -38.20 6.20 38.33
CA LEU A 488 -38.91 5.34 37.39
C LEU A 488 -40.15 6.08 36.91
N VAL A 489 -40.22 6.36 35.60
CA VAL A 489 -41.35 7.10 35.07
C VAL A 489 -42.26 6.22 34.23
N SER A 490 -41.78 5.06 33.75
CA SER A 490 -42.67 4.17 33.01
C SER A 490 -42.07 2.76 33.01
N GLU A 491 -42.93 1.74 33.06
CA GLU A 491 -42.43 0.37 33.03
C GLU A 491 -43.32 -0.47 32.13
N TRP A 492 -42.71 -1.17 31.17
CA TRP A 492 -43.44 -2.05 30.26
C TRP A 492 -43.13 -3.50 30.60
N LYS A 493 -44.19 -4.31 30.63
CA LYS A 493 -44.09 -5.75 30.75
C LYS A 493 -45.01 -6.41 29.73
N GLU A 494 -44.62 -7.62 29.32
CA GLU A 494 -45.46 -8.45 28.48
C GLU A 494 -46.78 -8.72 29.21
N PRO A 495 -47.93 -8.88 28.51
CA PRO A 495 -49.23 -9.02 29.20
C PRO A 495 -49.34 -10.05 30.33
N GLN A 496 -48.64 -11.20 30.23
CA GLN A 496 -48.59 -12.18 31.30
C GLN A 496 -47.25 -12.17 32.02
N ALA A 497 -46.48 -11.08 31.83
CA ALA A 497 -45.20 -10.86 32.49
C ALA A 497 -44.19 -11.98 32.21
N LYS A 498 -44.29 -12.61 31.02
CA LYS A 498 -43.26 -13.52 30.55
C LYS A 498 -41.94 -12.76 30.40
N ASN A 499 -40.83 -13.49 30.43
CA ASN A 499 -39.50 -12.88 30.30
C ASN A 499 -39.27 -12.32 28.89
N ILE A 500 -38.60 -11.17 28.83
CA ILE A 500 -38.01 -10.68 27.59
C ILE A 500 -36.78 -11.52 27.29
N SER A 501 -36.63 -11.92 26.02
CA SER A 501 -35.55 -12.81 25.60
C SER A 501 -34.52 -12.09 24.73
N VAL A 502 -34.93 -11.04 24.01
CA VAL A 502 -34.02 -10.28 23.14
C VAL A 502 -34.45 -8.82 23.16
N ALA A 503 -33.49 -7.90 23.08
CA ALA A 503 -33.82 -6.48 23.10
C ALA A 503 -32.98 -5.70 22.09
N SER A 504 -33.64 -4.77 21.40
N SER A 504 -33.61 -4.76 21.38
CA SER A 504 -32.98 -3.75 20.60
CA SER A 504 -32.88 -3.75 20.64
C SER A 504 -33.55 -2.40 21.00
C SER A 504 -33.56 -2.39 20.83
N CYS A 505 -32.74 -1.34 20.85
CA CYS A 505 -33.16 -0.02 21.27
C CYS A 505 -32.31 1.03 20.54
N ASN A 506 -32.96 2.12 20.12
CA ASN A 506 -32.27 3.34 19.72
C ASN A 506 -32.81 4.48 20.59
N SER A 507 -32.63 5.73 20.16
CA SER A 507 -32.98 6.84 21.02
C SER A 507 -34.50 6.94 21.25
N SER A 508 -35.35 6.48 20.31
CA SER A 508 -36.78 6.64 20.53
C SER A 508 -37.61 5.38 20.29
N GLN A 509 -36.99 4.27 19.89
CA GLN A 509 -37.71 3.06 19.53
C GLN A 509 -37.14 1.87 20.30
N VAL A 510 -38.02 0.92 20.63
CA VAL A 510 -37.66 -0.32 21.29
C VAL A 510 -38.32 -1.47 20.55
N VAL A 511 -37.55 -2.52 20.25
CA VAL A 511 -38.16 -3.78 19.84
C VAL A 511 -37.65 -4.87 20.79
N VAL A 512 -38.58 -5.59 21.41
CA VAL A 512 -38.22 -6.67 22.32
C VAL A 512 -38.89 -7.95 21.84
N ALA A 513 -38.21 -9.08 22.07
CA ALA A 513 -38.78 -10.39 21.79
C ALA A 513 -39.13 -11.06 23.11
N VAL A 514 -40.21 -11.82 23.05
CA VAL A 514 -40.62 -12.77 24.07
C VAL A 514 -40.89 -14.10 23.36
N GLY A 515 -39.87 -14.96 23.29
CA GLY A 515 -39.94 -16.18 22.52
C GLY A 515 -40.05 -15.88 21.03
N ARG A 516 -41.23 -16.16 20.46
CA ARG A 516 -41.56 -15.87 19.08
C ARG A 516 -42.26 -14.51 18.93
N ALA A 517 -42.74 -13.93 20.03
CA ALA A 517 -43.47 -12.67 19.96
C ALA A 517 -42.50 -11.50 19.87
N LEU A 518 -42.87 -10.49 19.09
CA LEU A 518 -42.16 -9.22 19.04
C LEU A 518 -43.12 -8.11 19.45
N TYR A 519 -42.59 -7.14 20.20
CA TYR A 519 -43.29 -5.93 20.59
C TYR A 519 -42.48 -4.71 20.15
N TYR A 520 -43.15 -3.72 19.57
CA TYR A 520 -42.55 -2.45 19.19
C TYR A 520 -43.07 -1.37 20.12
N LEU A 521 -42.15 -0.70 20.84
CA LEU A 521 -42.46 0.41 21.72
C LEU A 521 -41.81 1.70 21.20
N GLN A 522 -42.46 2.84 21.52
CA GLN A 522 -41.88 4.15 21.29
C GLN A 522 -41.68 4.85 22.63
N ILE A 523 -40.57 5.61 22.72
CA ILE A 523 -40.20 6.31 23.93
C ILE A 523 -40.76 7.73 23.84
N HIS A 524 -41.64 8.07 24.79
CA HIS A 524 -42.28 9.38 24.90
C HIS A 524 -41.96 9.95 26.28
N PRO A 525 -42.29 11.24 26.56
CA PRO A 525 -42.10 11.79 27.90
C PRO A 525 -42.87 10.99 28.95
N GLN A 526 -42.13 10.44 29.92
CA GLN A 526 -42.69 9.59 30.97
C GLN A 526 -43.63 8.51 30.42
N GLU A 527 -43.30 7.95 29.24
CA GLU A 527 -44.20 6.96 28.66
C GLU A 527 -43.48 6.01 27.72
N LEU A 528 -43.66 4.71 27.97
CA LEU A 528 -43.35 3.66 27.01
C LEU A 528 -44.65 3.27 26.31
N ARG A 529 -44.78 3.60 25.02
CA ARG A 529 -46.03 3.38 24.31
C ARG A 529 -45.90 2.13 23.45
N GLN A 530 -46.75 1.13 23.73
CA GLN A 530 -46.79 -0.06 22.90
C GLN A 530 -47.50 0.27 21.58
N ILE A 531 -46.78 0.06 20.46
CA ILE A 531 -47.33 0.46 19.18
C ILE A 531 -47.94 -0.74 18.46
N SER A 532 -47.21 -1.85 18.40
CA SER A 532 -47.62 -3.02 17.65
C SER A 532 -46.94 -4.26 18.20
N HIS A 533 -47.42 -5.44 17.78
CA HIS A 533 -46.78 -6.70 18.10
C HIS A 533 -47.08 -7.71 17.00
N THR A 534 -46.25 -8.76 16.94
CA THR A 534 -46.48 -9.86 16.02
C THR A 534 -45.97 -11.15 16.65
N GLU A 535 -46.27 -12.26 15.99
CA GLU A 535 -45.76 -13.58 16.33
C GLU A 535 -44.92 -14.06 15.14
N MET A 536 -43.62 -14.28 15.34
CA MET A 536 -42.80 -14.80 14.25
C MET A 536 -43.06 -16.29 14.07
N GLU A 537 -42.66 -16.83 12.90
CA GLU A 537 -42.84 -18.24 12.59
C GLU A 537 -41.97 -19.12 13.49
N HIS A 538 -40.83 -18.57 13.96
CA HIS A 538 -39.89 -19.32 14.77
C HIS A 538 -39.47 -18.45 15.95
N GLU A 539 -38.81 -19.06 16.93
CA GLU A 539 -38.19 -18.35 18.04
C GLU A 539 -37.22 -17.28 17.51
N VAL A 540 -37.18 -16.13 18.18
CA VAL A 540 -36.32 -15.03 17.77
C VAL A 540 -34.94 -15.24 18.38
N ALA A 541 -33.88 -15.07 17.56
CA ALA A 541 -32.51 -15.26 18.01
C ALA A 541 -31.83 -13.92 18.27
N CYS A 542 -32.07 -12.91 17.42
CA CYS A 542 -31.42 -11.62 17.54
C CYS A 542 -32.20 -10.53 16.79
N LEU A 543 -31.96 -9.27 17.19
CA LEU A 543 -32.71 -8.12 16.71
C LEU A 543 -31.76 -6.93 16.55
N ASP A 544 -32.07 -6.03 15.60
CA ASP A 544 -31.42 -4.73 15.53
C ASP A 544 -32.37 -3.71 14.87
N ILE A 545 -32.35 -2.48 15.40
CA ILE A 545 -33.10 -1.35 14.85
C ILE A 545 -32.19 -0.11 14.78
N THR A 546 -30.90 -0.30 14.47
CA THR A 546 -30.00 0.83 14.28
C THR A 546 -30.54 1.70 13.14
N PRO A 547 -30.75 3.02 13.35
CA PRO A 547 -31.25 3.88 12.28
C PRO A 547 -30.12 4.19 11.30
N LEU A 548 -30.41 4.15 10.00
CA LEU A 548 -29.41 4.42 8.99
C LEU A 548 -29.78 5.66 8.20
N GLY A 549 -28.76 6.47 7.89
CA GLY A 549 -28.85 7.51 6.86
C GLY A 549 -29.54 8.77 7.38
N ASP A 550 -30.33 9.38 6.49
CA ASP A 550 -31.02 10.63 6.74
C ASP A 550 -32.36 10.30 7.41
N SER A 551 -32.27 9.80 8.66
CA SER A 551 -33.35 9.07 9.29
C SER A 551 -33.94 9.83 10.49
N ASN A 552 -33.21 10.82 11.02
CA ASN A 552 -33.65 11.60 12.17
C ASN A 552 -33.73 10.70 13.42
N GLY A 553 -32.84 9.70 13.49
CA GLY A 553 -32.72 8.84 14.66
C GLY A 553 -33.81 7.75 14.71
N LEU A 554 -34.61 7.61 13.65
CA LEU A 554 -35.73 6.69 13.62
C LEU A 554 -35.48 5.62 12.56
N SER A 555 -35.80 4.37 12.91
CA SER A 555 -35.71 3.27 11.95
C SER A 555 -37.10 2.87 11.46
N PRO A 556 -37.34 2.84 10.13
CA PRO A 556 -38.53 2.18 9.58
C PRO A 556 -38.35 0.68 9.42
N LEU A 557 -37.16 0.15 9.74
CA LEU A 557 -36.83 -1.25 9.56
C LEU A 557 -36.46 -1.90 10.89
N CYS A 558 -36.75 -3.21 10.97
CA CYS A 558 -36.29 -4.08 12.04
C CYS A 558 -35.59 -5.28 11.40
N ALA A 559 -34.32 -5.50 11.76
CA ALA A 559 -33.58 -6.67 11.31
C ALA A 559 -33.73 -7.77 12.37
N ILE A 560 -34.01 -9.00 11.92
CA ILE A 560 -34.27 -10.10 12.85
C ILE A 560 -33.60 -11.37 12.34
N GLY A 561 -32.99 -12.13 13.27
CA GLY A 561 -32.51 -13.48 13.03
C GLY A 561 -33.38 -14.49 13.76
N LEU A 562 -33.69 -15.62 13.10
CA LEU A 562 -34.58 -16.62 13.66
C LEU A 562 -33.87 -17.96 13.85
N TRP A 563 -34.29 -18.69 14.91
CA TRP A 563 -34.06 -20.12 15.08
C TRP A 563 -34.67 -20.91 13.92
N THR A 564 -34.21 -22.16 13.77
CA THR A 564 -34.86 -23.22 13.01
C THR A 564 -34.57 -23.03 11.51
N ASP A 565 -35.09 -21.96 10.89
CA ASP A 565 -34.82 -21.72 9.48
C ASP A 565 -33.54 -20.89 9.27
N ILE A 566 -32.92 -20.43 10.36
CA ILE A 566 -31.63 -19.73 10.29
C ILE A 566 -31.74 -18.58 9.30
N SER A 567 -32.82 -17.79 9.43
CA SER A 567 -33.05 -16.67 8.52
C SER A 567 -32.61 -15.36 9.14
N ALA A 568 -32.11 -14.47 8.27
CA ALA A 568 -32.03 -13.05 8.51
C ALA A 568 -33.11 -12.37 7.68
N ARG A 569 -33.94 -11.56 8.33
CA ARG A 569 -35.08 -10.95 7.68
C ARG A 569 -35.11 -9.47 7.98
N ILE A 570 -35.62 -8.70 7.01
CA ILE A 570 -35.90 -7.29 7.22
C ILE A 570 -37.41 -7.15 7.28
N LEU A 571 -37.90 -6.59 8.41
CA LEU A 571 -39.31 -6.29 8.61
C LEU A 571 -39.52 -4.77 8.59
N LYS A 572 -40.72 -4.35 8.15
CA LYS A 572 -41.14 -2.96 8.24
C LYS A 572 -41.70 -2.69 9.65
N LEU A 573 -41.39 -1.54 10.24
CA LEU A 573 -42.10 -1.06 11.42
C LEU A 573 -43.09 0.02 10.99
N PRO A 574 -44.30 0.14 11.60
CA PRO A 574 -44.76 -0.74 12.70
C PRO A 574 -45.48 -2.06 12.40
N SER A 575 -45.80 -2.33 11.12
CA SER A 575 -46.64 -3.47 10.77
C SER A 575 -45.95 -4.82 11.00
N PHE A 576 -44.62 -4.83 10.97
CA PHE A 576 -43.84 -6.06 11.04
C PHE A 576 -44.02 -6.88 9.76
N GLU A 577 -44.39 -6.25 8.64
CA GLU A 577 -44.47 -6.93 7.36
C GLU A 577 -43.09 -7.36 6.86
N LEU A 578 -43.01 -8.59 6.36
CA LEU A 578 -41.77 -9.14 5.83
C LEU A 578 -41.40 -8.45 4.52
N LEU A 579 -40.22 -7.83 4.47
CA LEU A 579 -39.74 -7.15 3.28
C LEU A 579 -38.76 -8.05 2.53
N HIS A 580 -37.97 -8.83 3.25
CA HIS A 580 -36.97 -9.66 2.61
C HIS A 580 -36.52 -10.74 3.59
N LYS A 581 -36.34 -11.96 3.07
CA LYS A 581 -35.87 -13.09 3.86
C LYS A 581 -34.66 -13.71 3.19
N GLU A 582 -33.60 -13.94 3.97
CA GLU A 582 -32.43 -14.67 3.51
C GLU A 582 -32.19 -15.86 4.44
N MET A 583 -32.11 -17.04 3.85
CA MET A 583 -31.84 -18.29 4.54
C MET A 583 -30.33 -18.51 4.56
N LEU A 584 -29.74 -18.66 5.75
CA LEU A 584 -28.29 -18.66 5.84
C LEU A 584 -27.72 -20.08 5.82
N GLY A 585 -28.57 -21.10 5.95
CA GLY A 585 -28.13 -22.49 5.88
C GLY A 585 -27.65 -23.02 7.23
N GLY A 586 -27.56 -24.35 7.31
CA GLY A 586 -26.99 -25.04 8.46
C GLY A 586 -28.00 -25.19 9.60
N GLU A 587 -27.49 -25.54 10.79
CA GLU A 587 -28.33 -25.78 11.95
C GLU A 587 -27.87 -24.95 13.16
N ILE A 588 -27.08 -23.89 12.93
CA ILE A 588 -26.53 -23.08 14.01
C ILE A 588 -27.13 -21.68 13.90
N ILE A 589 -27.72 -21.18 15.00
CA ILE A 589 -28.57 -20.00 14.90
C ILE A 589 -27.72 -18.73 14.77
N PRO A 590 -28.30 -17.65 14.18
CA PRO A 590 -27.71 -16.30 14.24
C PRO A 590 -27.60 -15.84 15.69
N ARG A 591 -26.52 -15.12 16.01
CA ARG A 591 -26.29 -14.65 17.36
C ARG A 591 -26.25 -13.13 17.43
N SER A 592 -25.91 -12.47 16.32
CA SER A 592 -25.74 -11.03 16.33
C SER A 592 -26.16 -10.53 14.94
N ILE A 593 -26.97 -9.48 14.90
CA ILE A 593 -27.41 -8.91 13.64
C ILE A 593 -27.34 -7.40 13.78
N LEU A 594 -26.93 -6.71 12.71
CA LEU A 594 -26.64 -5.30 12.75
C LEU A 594 -26.84 -4.67 11.38
N MET A 595 -27.62 -3.57 11.36
CA MET A 595 -27.68 -2.68 10.22
C MET A 595 -26.64 -1.59 10.44
N THR A 596 -25.83 -1.31 9.42
CA THR A 596 -24.74 -0.36 9.59
C THR A 596 -24.42 0.33 8.27
N THR A 597 -23.72 1.47 8.38
CA THR A 597 -23.27 2.25 7.24
C THR A 597 -21.75 2.34 7.27
N PHE A 598 -21.16 2.15 6.07
CA PHE A 598 -19.74 2.30 5.84
C PHE A 598 -19.52 3.03 4.50
N GLU A 599 -18.75 4.11 4.54
CA GLU A 599 -18.49 4.92 3.35
C GLU A 599 -19.80 5.20 2.60
N SER A 600 -20.85 5.54 3.37
CA SER A 600 -22.13 5.98 2.85
C SER A 600 -22.97 4.88 2.20
N SER A 601 -22.53 3.62 2.25
CA SER A 601 -23.35 2.50 1.78
C SER A 601 -23.89 1.72 2.97
N HIS A 602 -25.08 1.12 2.81
CA HIS A 602 -25.76 0.42 3.90
C HIS A 602 -25.57 -1.09 3.77
N TYR A 603 -25.37 -1.74 4.92
CA TYR A 603 -25.12 -3.17 4.97
C TYR A 603 -25.93 -3.81 6.09
N LEU A 604 -26.28 -5.08 5.88
CA LEU A 604 -26.73 -5.98 6.93
C LEU A 604 -25.61 -6.97 7.21
N LEU A 605 -25.21 -7.01 8.49
CA LEU A 605 -24.26 -7.97 9.04
C LEU A 605 -25.03 -8.98 9.90
N CYS A 606 -24.77 -10.28 9.70
CA CYS A 606 -25.35 -11.33 10.52
C CYS A 606 -24.32 -12.39 10.85
N ALA A 607 -24.03 -12.56 12.14
CA ALA A 607 -23.03 -13.50 12.62
C ALA A 607 -23.69 -14.75 13.20
N LEU A 608 -23.22 -15.93 12.79
CA LEU A 608 -23.67 -17.20 13.35
C LEU A 608 -22.81 -17.59 14.54
N GLY A 609 -23.29 -18.61 15.28
CA GLY A 609 -22.63 -19.06 16.49
C GLY A 609 -21.32 -19.81 16.23
N ASP A 610 -21.04 -20.12 14.95
CA ASP A 610 -19.89 -20.91 14.54
C ASP A 610 -18.77 -20.03 13.99
N GLY A 611 -18.92 -18.68 14.06
CA GLY A 611 -17.86 -17.76 13.68
C GLY A 611 -18.04 -17.20 12.26
N ALA A 612 -19.05 -17.73 11.54
CA ALA A 612 -19.40 -17.22 10.23
C ALA A 612 -20.01 -15.82 10.36
N LEU A 613 -19.63 -14.93 9.44
CA LEU A 613 -20.26 -13.64 9.31
C LEU A 613 -20.72 -13.50 7.86
N PHE A 614 -22.03 -13.33 7.71
CA PHE A 614 -22.66 -13.02 6.44
C PHE A 614 -22.86 -11.52 6.38
N TYR A 615 -22.69 -10.95 5.18
CA TYR A 615 -23.07 -9.57 5.01
C TYR A 615 -23.66 -9.35 3.63
N PHE A 616 -24.52 -8.33 3.56
CA PHE A 616 -25.32 -8.01 2.39
C PHE A 616 -25.41 -6.51 2.23
N GLY A 617 -25.51 -6.06 0.98
CA GLY A 617 -26.02 -4.73 0.71
C GLY A 617 -27.46 -4.59 1.20
N LEU A 618 -27.78 -3.42 1.75
CA LEU A 618 -29.10 -3.16 2.29
C LEU A 618 -29.63 -1.91 1.61
N ASN A 619 -30.78 -2.03 0.96
CA ASN A 619 -31.55 -0.89 0.52
C ASN A 619 -32.49 -0.48 1.66
N ILE A 620 -32.32 0.73 2.21
CA ILE A 620 -33.08 1.10 3.39
C ILE A 620 -34.46 1.61 3.00
N GLU A 621 -34.69 1.85 1.70
CA GLU A 621 -36.01 2.16 1.17
C GLU A 621 -36.87 0.89 1.09
N THR A 622 -36.39 -0.13 0.37
CA THR A 622 -37.19 -1.29 0.00
C THR A 622 -36.96 -2.46 0.98
N GLY A 623 -35.82 -2.47 1.68
CA GLY A 623 -35.50 -3.56 2.59
C GLY A 623 -34.80 -4.73 1.89
N LEU A 624 -34.52 -4.56 0.58
CA LEU A 624 -33.87 -5.59 -0.20
C LEU A 624 -32.43 -5.79 0.30
N LEU A 625 -32.06 -7.06 0.49
CA LEU A 625 -30.69 -7.49 0.71
C LEU A 625 -30.12 -8.00 -0.59
N SER A 626 -28.86 -7.66 -0.90
CA SER A 626 -28.21 -8.16 -2.11
C SER A 626 -26.74 -8.50 -1.87
N ASP A 627 -26.16 -9.14 -2.91
CA ASP A 627 -24.73 -9.40 -3.03
C ASP A 627 -24.17 -10.03 -1.76
N ARG A 628 -24.79 -11.14 -1.33
CA ARG A 628 -24.39 -11.87 -0.14
C ARG A 628 -22.90 -12.23 -0.21
N LYS A 629 -22.20 -12.03 0.90
CA LYS A 629 -20.83 -12.49 1.07
C LYS A 629 -20.68 -13.12 2.45
N LYS A 630 -19.59 -13.89 2.63
CA LYS A 630 -19.38 -14.65 3.86
C LYS A 630 -17.89 -14.72 4.17
N VAL A 631 -17.55 -14.46 5.42
CA VAL A 631 -16.20 -14.59 5.93
C VAL A 631 -16.30 -15.29 7.29
N THR A 632 -15.18 -15.85 7.75
CA THR A 632 -15.16 -16.55 9.02
C THR A 632 -14.24 -15.77 9.95
N LEU A 633 -14.74 -15.46 11.15
CA LEU A 633 -14.11 -14.50 12.05
C LEU A 633 -13.62 -15.22 13.30
N GLY A 634 -13.53 -16.55 13.24
CA GLY A 634 -13.31 -17.34 14.44
C GLY A 634 -14.15 -18.62 14.39
N THR A 635 -14.30 -19.25 15.55
CA THR A 635 -15.05 -20.50 15.68
C THR A 635 -16.12 -20.36 16.76
N GLN A 636 -16.18 -19.20 17.42
CA GLN A 636 -17.10 -18.94 18.52
C GLN A 636 -18.20 -17.99 18.03
N PRO A 637 -19.31 -17.85 18.79
CA PRO A 637 -20.31 -16.82 18.48
C PRO A 637 -19.56 -15.50 18.44
N THR A 638 -19.87 -14.68 17.44
CA THR A 638 -19.36 -13.32 17.35
C THR A 638 -20.42 -12.34 17.84
N VAL A 639 -20.02 -11.35 18.65
CA VAL A 639 -20.88 -10.24 19.03
C VAL A 639 -20.39 -8.97 18.33
N LEU A 640 -21.29 -8.27 17.64
CA LEU A 640 -20.96 -7.09 16.86
C LEU A 640 -21.38 -5.84 17.62
N ARG A 641 -20.56 -4.78 17.53
CA ARG A 641 -20.88 -3.51 18.17
C ARG A 641 -20.21 -2.36 17.43
N THR A 642 -20.99 -1.31 17.11
N THR A 642 -21.00 -1.31 17.09
CA THR A 642 -20.47 -0.15 16.42
CA THR A 642 -20.44 -0.13 16.45
C THR A 642 -19.64 0.72 17.36
C THR A 642 -19.54 0.63 17.42
N PHE A 643 -18.55 1.30 16.85
CA PHE A 643 -17.77 2.28 17.59
C PHE A 643 -17.21 3.30 16.59
N ARG A 644 -16.82 4.47 17.11
CA ARG A 644 -16.25 5.53 16.29
C ARG A 644 -14.81 5.77 16.73
N SER A 645 -13.89 5.84 15.76
CA SER A 645 -12.59 6.43 16.00
C SER A 645 -12.18 7.22 14.77
N LEU A 646 -11.49 8.35 15.00
CA LEU A 646 -11.03 9.23 13.93
C LEU A 646 -12.19 9.52 12.99
N SER A 647 -13.33 9.91 13.58
CA SER A 647 -14.48 10.42 12.83
C SER A 647 -15.00 9.40 11.81
N THR A 648 -14.95 8.10 12.13
CA THR A 648 -15.43 7.06 11.23
C THR A 648 -16.09 5.97 12.07
N THR A 649 -17.27 5.50 11.64
CA THR A 649 -17.96 4.45 12.37
C THR A 649 -17.48 3.11 11.82
N ASN A 650 -17.10 2.21 12.74
CA ASN A 650 -16.63 0.87 12.43
C ASN A 650 -17.33 -0.14 13.34
N VAL A 651 -17.14 -1.43 13.03
CA VAL A 651 -17.78 -2.47 13.82
C VAL A 651 -16.69 -3.32 14.47
N PHE A 652 -16.77 -3.45 15.80
CA PHE A 652 -15.92 -4.35 16.54
C PHE A 652 -16.62 -5.71 16.66
N ALA A 653 -15.93 -6.77 16.24
CA ALA A 653 -16.43 -8.13 16.30
C ALA A 653 -15.73 -8.88 17.43
N CYS A 654 -16.48 -9.15 18.50
CA CYS A 654 -15.99 -9.92 19.64
C CYS A 654 -16.08 -11.42 19.36
N SER A 655 -14.94 -12.08 19.37
CA SER A 655 -14.91 -13.53 19.33
C SER A 655 -13.59 -14.00 19.92
N ASP A 656 -13.29 -15.29 19.75
CA ASP A 656 -11.96 -15.83 20.04
C ASP A 656 -10.89 -15.09 19.24
N ARG A 657 -11.27 -14.52 18.08
CA ARG A 657 -10.36 -13.74 17.25
C ARG A 657 -10.97 -12.36 17.02
N PRO A 658 -10.80 -11.42 17.97
CA PRO A 658 -11.41 -10.10 17.85
C PRO A 658 -10.94 -9.44 16.56
N THR A 659 -11.89 -8.79 15.88
CA THR A 659 -11.70 -8.21 14.56
C THR A 659 -12.38 -6.85 14.52
N VAL A 660 -11.80 -5.93 13.75
CA VAL A 660 -12.53 -4.74 13.34
C VAL A 660 -12.98 -4.89 11.89
N ILE A 661 -14.26 -4.57 11.66
CA ILE A 661 -14.88 -4.48 10.36
C ILE A 661 -14.94 -3.02 9.94
N TYR A 662 -14.44 -2.73 8.73
CA TYR A 662 -14.45 -1.38 8.20
C TYR A 662 -14.52 -1.43 6.68
N SER A 663 -14.45 -0.25 6.07
CA SER A 663 -14.59 -0.13 4.63
C SER A 663 -13.36 0.56 4.06
N SER A 664 -12.98 0.10 2.86
CA SER A 664 -11.87 0.64 2.09
C SER A 664 -12.20 0.43 0.62
N ASN A 665 -12.21 1.52 -0.18
CA ASN A 665 -12.60 1.49 -1.58
C ASN A 665 -14.00 0.88 -1.74
N HIS A 666 -14.92 1.22 -0.82
CA HIS A 666 -16.31 0.77 -0.89
C HIS A 666 -16.41 -0.75 -0.90
N LYS A 667 -15.49 -1.44 -0.21
CA LYS A 667 -15.59 -2.87 0.04
C LYS A 667 -15.34 -3.09 1.54
N LEU A 668 -16.06 -4.04 2.15
CA LEU A 668 -15.81 -4.36 3.55
C LEU A 668 -14.48 -5.07 3.69
N VAL A 669 -13.75 -4.71 4.75
CA VAL A 669 -12.46 -5.25 5.10
C VAL A 669 -12.49 -5.67 6.57
N PHE A 670 -11.61 -6.62 6.91
CA PHE A 670 -11.57 -7.25 8.22
C PHE A 670 -10.13 -7.28 8.70
N SER A 671 -9.87 -6.73 9.87
CA SER A 671 -8.50 -6.67 10.37
C SER A 671 -8.48 -7.17 11.81
N ASN A 672 -7.49 -8.03 12.09
CA ASN A 672 -7.33 -8.61 13.42
C ASN A 672 -6.98 -7.53 14.42
N VAL A 673 -7.54 -7.66 15.63
CA VAL A 673 -7.14 -6.89 16.79
C VAL A 673 -6.15 -7.74 17.58
N ASN A 674 -5.02 -7.16 17.98
CA ASN A 674 -3.95 -7.93 18.62
C ASN A 674 -4.23 -8.00 20.13
N LEU A 675 -5.19 -8.85 20.48
CA LEU A 675 -5.59 -9.12 21.85
C LEU A 675 -5.98 -10.59 21.88
N LYS A 676 -5.94 -11.21 23.06
CA LYS A 676 -6.56 -12.51 23.24
C LYS A 676 -8.09 -12.34 23.18
N GLU A 677 -8.83 -13.41 23.48
CA GLU A 677 -10.27 -13.42 23.34
C GLU A 677 -10.92 -12.24 24.07
N VAL A 678 -11.82 -11.54 23.37
CA VAL A 678 -12.68 -10.49 23.89
C VAL A 678 -14.11 -11.00 23.81
N ASN A 679 -14.87 -10.89 24.91
CA ASN A 679 -16.24 -11.39 24.91
C ASN A 679 -17.23 -10.28 24.58
N TYR A 680 -17.08 -9.12 25.23
CA TYR A 680 -17.96 -7.97 25.03
C TYR A 680 -17.13 -6.69 24.95
N MET A 681 -17.68 -5.68 24.32
CA MET A 681 -17.05 -4.39 24.25
C MET A 681 -18.11 -3.30 24.10
N CYS A 682 -17.76 -2.09 24.50
CA CYS A 682 -18.51 -0.93 24.10
C CYS A 682 -17.54 0.24 23.98
N PRO A 683 -17.87 1.23 23.13
CA PRO A 683 -17.11 2.48 23.10
C PRO A 683 -17.34 3.20 24.43
N LEU A 684 -16.35 4.00 24.85
CA LEU A 684 -16.43 4.72 26.10
C LEU A 684 -15.65 6.02 25.96
N ASN A 685 -16.33 7.15 26.14
CA ASN A 685 -15.76 8.46 25.95
C ASN A 685 -16.00 9.31 27.20
N SER A 686 -15.17 9.11 28.23
CA SER A 686 -15.31 9.78 29.53
C SER A 686 -14.19 10.78 29.72
N ASP A 687 -14.30 11.58 30.80
CA ASP A 687 -13.30 12.57 31.15
C ASP A 687 -11.92 11.91 31.24
N GLY A 688 -11.81 10.88 32.08
CA GLY A 688 -10.54 10.20 32.32
C GLY A 688 -10.12 9.28 31.17
N TYR A 689 -11.09 8.82 30.39
CA TYR A 689 -10.83 7.90 29.28
C TYR A 689 -11.53 8.42 28.03
N PRO A 690 -10.99 9.48 27.39
CA PRO A 690 -11.57 10.03 26.16
C PRO A 690 -11.40 9.02 25.02
N ASP A 691 -12.41 8.96 24.14
CA ASP A 691 -12.38 8.21 22.89
C ASP A 691 -11.74 6.84 23.08
N SER A 692 -12.32 6.03 23.98
CA SER A 692 -11.75 4.75 24.35
C SER A 692 -12.75 3.62 24.11
N LEU A 693 -12.33 2.41 24.47
CA LEU A 693 -13.13 1.20 24.35
C LEU A 693 -13.08 0.51 25.70
N ALA A 694 -14.23 0.00 26.17
CA ALA A 694 -14.25 -0.92 27.30
C ALA A 694 -14.33 -2.33 26.75
N LEU A 695 -13.45 -3.21 27.25
CA LEU A 695 -13.31 -4.57 26.74
C LEU A 695 -13.46 -5.53 27.92
N ALA A 696 -14.18 -6.63 27.72
CA ALA A 696 -14.30 -7.64 28.75
C ALA A 696 -14.04 -9.02 28.19
N ASN A 697 -13.25 -9.81 28.94
CA ASN A 697 -13.16 -11.26 28.76
C ASN A 697 -13.81 -11.93 29.96
N ASN A 698 -13.49 -13.22 30.17
CA ASN A 698 -14.10 -14.04 31.20
C ASN A 698 -13.77 -13.53 32.60
N SER A 699 -12.63 -12.84 32.77
CA SER A 699 -12.12 -12.50 34.09
C SER A 699 -11.89 -11.00 34.29
N THR A 700 -11.78 -10.20 33.22
CA THR A 700 -11.22 -8.86 33.31
C THR A 700 -12.01 -7.83 32.49
N LEU A 701 -12.13 -6.63 33.05
CA LEU A 701 -12.60 -5.45 32.35
C LEU A 701 -11.41 -4.53 32.09
N THR A 702 -11.24 -4.12 30.82
CA THR A 702 -10.14 -3.28 30.36
C THR A 702 -10.73 -1.99 29.80
N ILE A 703 -9.98 -0.90 29.91
CA ILE A 703 -10.27 0.32 29.17
C ILE A 703 -9.00 0.74 28.43
N GLY A 704 -9.13 1.07 27.14
CA GLY A 704 -7.97 1.48 26.36
C GLY A 704 -8.37 2.25 25.09
N THR A 705 -7.37 2.68 24.34
CA THR A 705 -7.55 3.34 23.06
C THR A 705 -7.08 2.38 21.97
N ILE A 706 -7.58 2.60 20.77
CA ILE A 706 -7.27 1.70 19.67
C ILE A 706 -6.40 2.48 18.69
N ASP A 707 -5.47 1.77 18.04
CA ASP A 707 -4.66 2.35 16.99
C ASP A 707 -5.50 2.59 15.74
N GLU A 708 -4.82 3.10 14.69
CA GLU A 708 -5.47 3.35 13.42
C GLU A 708 -6.00 2.04 12.85
N ILE A 709 -7.17 2.12 12.22
CA ILE A 709 -7.85 0.94 11.68
C ILE A 709 -7.30 0.68 10.28
N GLN A 710 -6.45 -0.34 10.17
CA GLN A 710 -5.74 -0.67 8.94
C GLN A 710 -5.21 -2.11 9.08
N LYS A 711 -4.87 -2.74 7.97
CA LYS A 711 -4.38 -4.11 7.98
C LYS A 711 -2.98 -4.19 8.60
N LEU A 712 -2.11 -3.22 8.29
CA LEU A 712 -0.71 -3.21 8.72
C LEU A 712 -0.42 -1.93 9.50
N HIS A 713 0.33 -2.07 10.59
CA HIS A 713 0.84 -0.94 11.34
C HIS A 713 2.30 -0.70 10.98
N ILE A 714 2.67 0.56 10.72
CA ILE A 714 3.98 0.97 10.26
C ILE A 714 4.53 2.00 11.22
N ARG A 715 5.72 1.73 11.78
CA ARG A 715 6.50 2.70 12.53
C ARG A 715 7.63 3.17 11.63
N THR A 716 7.81 4.48 11.56
CA THR A 716 8.87 5.09 10.77
C THR A 716 10.00 5.58 11.68
N VAL A 717 11.25 5.26 11.28
CA VAL A 717 12.44 5.76 11.93
C VAL A 717 13.23 6.56 10.90
N PRO A 718 13.16 7.91 10.93
CA PRO A 718 13.91 8.72 9.98
C PRO A 718 15.42 8.66 10.22
N LEU A 719 16.19 8.49 9.14
CA LEU A 719 17.64 8.46 9.20
C LEU A 719 18.26 9.72 8.60
N TYR A 720 17.52 10.39 7.70
CA TYR A 720 17.98 11.58 6.98
C TYR A 720 19.16 11.27 6.07
N GLU A 721 19.32 9.98 5.70
CA GLU A 721 20.37 9.55 4.79
C GLU A 721 19.92 8.19 4.22
N SER A 722 20.65 7.69 3.24
CA SER A 722 20.24 6.48 2.50
C SER A 722 20.63 5.20 3.21
N PRO A 723 19.68 4.38 3.72
CA PRO A 723 20.02 3.05 4.24
C PRO A 723 20.24 2.09 3.07
N ARG A 724 21.14 1.12 3.23
CA ARG A 724 21.52 0.24 2.14
C ARG A 724 21.32 -1.24 2.47
N LYS A 725 21.62 -1.65 3.71
CA LYS A 725 21.49 -3.03 4.13
C LYS A 725 21.22 -3.09 5.62
N ILE A 726 20.61 -4.20 6.07
CA ILE A 726 20.24 -4.35 7.46
C ILE A 726 20.43 -5.79 7.91
N CYS A 727 20.85 -5.96 9.18
N CYS A 727 20.89 -5.95 9.17
CA CYS A 727 20.87 -7.28 9.79
CA CYS A 727 20.94 -7.26 9.82
C CYS A 727 20.60 -7.14 11.29
C CYS A 727 20.50 -7.09 11.26
N TYR A 728 20.04 -8.19 11.87
CA TYR A 728 19.68 -8.21 13.28
C TYR A 728 20.77 -8.97 14.04
N GLN A 729 21.12 -8.47 15.22
CA GLN A 729 22.06 -9.16 16.11
C GLN A 729 21.42 -9.35 17.49
N GLU A 730 20.80 -10.51 17.66
CA GLU A 730 19.98 -10.81 18.82
C GLU A 730 20.77 -10.66 20.13
N VAL A 731 22.01 -11.15 20.15
CA VAL A 731 22.79 -11.11 21.38
C VAL A 731 23.05 -9.66 21.81
N SER A 732 23.03 -8.70 20.87
CA SER A 732 23.25 -7.30 21.20
C SER A 732 21.95 -6.51 21.36
N GLN A 733 20.81 -7.12 20.98
CA GLN A 733 19.51 -6.45 20.96
C GLN A 733 19.57 -5.20 20.10
N CYS A 734 20.18 -5.33 18.93
N CYS A 734 20.23 -5.34 18.93
CA CYS A 734 20.29 -4.18 18.03
CA CYS A 734 20.50 -4.23 18.04
C CYS A 734 20.35 -4.64 16.58
C CYS A 734 20.38 -4.65 16.58
N PHE A 735 20.19 -3.67 15.70
CA PHE A 735 20.34 -3.87 14.27
C PHE A 735 21.64 -3.21 13.82
N GLY A 736 22.28 -3.82 12.84
CA GLY A 736 23.29 -3.14 12.04
C GLY A 736 22.67 -2.66 10.73
N VAL A 737 22.95 -1.40 10.37
CA VAL A 737 22.44 -0.83 9.14
C VAL A 737 23.59 -0.14 8.41
N LEU A 738 23.85 -0.54 7.17
CA LEU A 738 24.76 0.20 6.31
C LEU A 738 24.02 1.42 5.78
N SER A 739 24.68 2.60 5.78
CA SER A 739 24.07 3.82 5.30
C SER A 739 25.08 4.63 4.50
N SER A 740 24.58 5.47 3.60
CA SER A 740 25.45 6.43 2.95
C SER A 740 24.83 7.82 2.98
N ARG A 741 25.70 8.83 3.08
CA ARG A 741 25.28 10.21 3.04
C ARG A 741 26.13 10.94 2.01
N ILE A 742 25.52 11.94 1.39
CA ILE A 742 26.16 12.75 0.37
C ILE A 742 26.86 13.91 1.09
N GLU A 743 28.11 14.15 0.72
CA GLU A 743 28.85 15.34 1.11
C GLU A 743 29.41 16.02 -0.14
N VAL A 744 29.76 17.31 -0.01
CA VAL A 744 30.21 18.09 -1.15
C VAL A 744 31.67 18.52 -0.92
N GLN A 745 32.53 18.27 -1.92
CA GLN A 745 33.95 18.58 -1.85
C GLN A 745 34.16 20.08 -2.09
N GLY A 750 38.70 18.88 1.47
CA GLY A 750 37.64 18.84 2.51
C GLY A 750 36.25 18.70 1.89
N THR A 751 35.46 17.74 2.42
CA THR A 751 34.07 17.54 2.01
C THR A 751 33.16 17.90 3.19
N THR A 752 32.00 18.50 2.87
CA THR A 752 31.06 18.99 3.86
C THR A 752 29.70 18.29 3.70
N ALA A 753 29.07 17.97 4.83
CA ALA A 753 27.74 17.37 4.85
C ALA A 753 26.67 18.43 4.60
N LEU A 754 25.52 17.97 4.08
CA LEU A 754 24.42 18.83 3.65
C LEU A 754 23.44 19.07 4.80
N ARG A 755 23.39 18.12 5.73
CA ARG A 755 22.47 18.19 6.85
C ARG A 755 22.93 17.17 7.87
N PRO A 756 22.52 17.29 9.16
CA PRO A 756 22.77 16.22 10.13
C PRO A 756 21.93 15.00 9.75
N SER A 757 22.45 13.81 10.10
CA SER A 757 21.76 12.56 9.79
C SER A 757 22.25 11.47 10.75
N ALA A 758 21.66 10.28 10.66
CA ALA A 758 21.92 9.19 11.60
C ALA A 758 23.42 9.02 11.85
N SER A 759 24.21 9.02 10.77
CA SER A 759 25.63 8.71 10.85
C SER A 759 26.45 9.84 11.49
N THR A 760 25.88 11.05 11.64
CA THR A 760 26.58 12.14 12.29
C THR A 760 25.92 12.49 13.62
N GLN A 761 24.97 11.66 14.08
CA GLN A 761 24.20 11.95 15.28
C GLN A 761 24.13 10.73 16.19
N ALA A 762 25.11 9.81 16.05
CA ALA A 762 25.18 8.64 16.91
C ALA A 762 25.65 9.04 18.30
N LEU A 763 25.35 8.21 19.31
CA LEU A 763 25.83 8.48 20.67
C LEU A 763 27.35 8.50 20.72
N SER A 764 27.98 7.49 20.11
CA SER A 764 29.42 7.48 19.93
C SER A 764 29.74 7.13 18.48
N SER A 765 30.99 7.40 18.09
CA SER A 765 31.36 7.21 16.70
C SER A 765 32.82 6.80 16.60
N SER A 766 33.14 6.12 15.49
CA SER A 766 34.47 5.62 15.18
C SER A 766 34.72 5.81 13.68
N VAL A 767 35.97 5.68 13.24
CA VAL A 767 36.35 5.96 11.86
C VAL A 767 37.42 4.95 11.46
N SER A 768 37.41 4.51 10.19
CA SER A 768 38.47 3.66 9.67
C SER A 768 39.72 4.51 9.45
N SER A 769 40.90 3.92 9.70
CA SER A 769 42.17 4.61 9.46
C SER A 769 42.89 3.97 8.27
N SER A 770 43.28 4.81 7.30
CA SER A 770 43.91 4.36 6.06
C SER A 770 45.31 3.84 6.32
N LYS A 771 45.80 2.98 5.41
CA LYS A 771 47.03 2.22 5.62
C LYS A 771 48.26 3.09 5.31
N GLU A 786 25.54 16.55 -4.54
CA GLU A 786 25.66 15.09 -4.88
C GLU A 786 27.11 14.76 -5.27
N GLU A 787 28.09 15.18 -4.45
CA GLU A 787 29.49 15.14 -4.87
C GLU A 787 30.18 13.84 -4.46
N VAL A 788 30.15 13.47 -3.16
CA VAL A 788 30.77 12.22 -2.71
C VAL A 788 29.85 11.47 -1.73
N GLU A 789 29.88 10.13 -1.81
CA GLU A 789 29.16 9.28 -0.86
C GLU A 789 30.12 8.88 0.26
N VAL A 790 29.67 9.08 1.50
CA VAL A 790 30.39 8.67 2.69
C VAL A 790 29.57 7.56 3.37
N HIS A 791 30.19 6.38 3.52
CA HIS A 791 29.50 5.19 4.00
C HIS A 791 29.79 4.92 5.48
N ASN A 792 28.80 4.31 6.14
CA ASN A 792 28.79 4.11 7.57
C ASN A 792 28.10 2.78 7.91
N LEU A 793 28.53 2.15 9.01
CA LEU A 793 27.79 1.11 9.71
C LEU A 793 27.17 1.73 10.96
N LEU A 794 25.84 1.73 11.02
CA LEU A 794 25.09 2.21 12.17
C LEU A 794 24.67 1.04 13.05
N ILE A 795 24.75 1.24 14.36
CA ILE A 795 24.22 0.29 15.33
C ILE A 795 23.02 0.93 16.00
N ILE A 796 21.85 0.26 15.89
CA ILE A 796 20.57 0.85 16.23
C ILE A 796 19.82 -0.05 17.22
N ASP A 797 19.34 0.56 18.30
CA ASP A 797 18.69 -0.16 19.38
C ASP A 797 17.37 -0.76 18.91
N GLN A 798 17.07 -2.03 19.23
CA GLN A 798 15.89 -2.68 18.68
C GLN A 798 14.58 -2.16 19.29
N HIS A 799 14.66 -1.47 20.44
CA HIS A 799 13.49 -0.99 21.16
C HIS A 799 13.22 0.49 20.86
N THR A 800 14.27 1.33 20.96
CA THR A 800 14.09 2.77 20.81
C THR A 800 14.42 3.23 19.39
N PHE A 801 15.14 2.41 18.63
CA PHE A 801 15.67 2.77 17.32
C PHE A 801 16.58 4.00 17.42
N GLU A 802 17.16 4.23 18.60
CA GLU A 802 18.19 5.24 18.77
C GLU A 802 19.46 4.76 18.06
N VAL A 803 20.22 5.70 17.49
CA VAL A 803 21.49 5.40 16.87
C VAL A 803 22.55 5.39 17.97
N LEU A 804 22.99 4.19 18.37
CA LEU A 804 23.92 4.01 19.47
C LEU A 804 25.34 4.32 19.04
N HIS A 805 25.69 3.89 17.82
CA HIS A 805 27.05 4.03 17.31
C HIS A 805 27.04 4.15 15.80
N ALA A 806 28.00 4.91 15.27
CA ALA A 806 28.26 4.97 13.84
C ALA A 806 29.76 4.82 13.57
N HIS A 807 30.12 3.89 12.68
CA HIS A 807 31.48 3.73 12.20
C HIS A 807 31.56 4.18 10.75
N GLN A 808 32.48 5.12 10.46
CA GLN A 808 32.65 5.66 9.12
C GLN A 808 33.77 4.92 8.40
N PHE A 809 33.51 4.55 7.14
CA PHE A 809 34.48 3.82 6.33
C PHE A 809 35.48 4.81 5.72
N LEU A 810 36.44 4.27 4.96
CA LEU A 810 37.48 5.06 4.30
C LEU A 810 36.88 5.95 3.21
N GLN A 811 37.60 7.04 2.91
CA GLN A 811 37.30 7.82 1.71
C GLN A 811 37.22 6.91 0.49
N ASN A 812 36.15 7.08 -0.30
CA ASN A 812 35.92 6.34 -1.53
C ASN A 812 35.60 4.87 -1.25
N GLU A 813 35.36 4.51 0.02
CA GLU A 813 35.00 3.14 0.32
C GLU A 813 33.47 3.03 0.39
N TYR A 814 32.91 2.15 -0.45
CA TYR A 814 31.47 1.88 -0.44
C TYR A 814 31.19 0.54 0.22
N ALA A 815 30.29 0.54 1.23
CA ALA A 815 29.92 -0.67 1.93
C ALA A 815 28.77 -1.35 1.19
N LEU A 816 28.96 -2.63 0.84
CA LEU A 816 28.05 -3.31 -0.07
C LEU A 816 27.29 -4.46 0.60
N SER A 817 27.89 -5.11 1.60
CA SER A 817 27.32 -6.32 2.15
C SER A 817 27.51 -6.33 3.67
N LEU A 818 26.59 -7.02 4.36
CA LEU A 818 26.58 -7.00 5.82
C LEU A 818 25.99 -8.30 6.35
N VAL A 819 26.59 -8.84 7.41
N VAL A 819 26.64 -8.85 7.39
CA VAL A 819 26.06 -10.04 8.04
CA VAL A 819 26.18 -10.06 8.07
C VAL A 819 26.43 -10.00 9.53
C VAL A 819 26.37 -9.86 9.58
N SER A 820 25.53 -10.54 10.36
CA SER A 820 25.78 -10.73 11.78
C SER A 820 25.87 -12.23 12.03
N CYS A 821 27.01 -12.72 12.54
CA CYS A 821 27.18 -14.15 12.74
C CYS A 821 28.34 -14.43 13.70
N LYS A 822 28.35 -15.68 14.16
CA LYS A 822 29.49 -16.30 14.79
C LYS A 822 30.24 -17.11 13.74
N LEU A 823 31.55 -17.29 13.94
CA LEU A 823 32.38 -18.08 13.04
C LEU A 823 33.23 -19.06 13.84
N GLY A 824 33.58 -20.18 13.20
CA GLY A 824 34.56 -21.12 13.74
C GLY A 824 34.18 -21.57 15.15
N LYS A 825 35.17 -21.63 16.04
CA LYS A 825 34.92 -22.01 17.43
C LYS A 825 34.92 -20.77 18.31
N ASP A 826 34.78 -19.58 17.71
CA ASP A 826 34.79 -18.32 18.44
C ASP A 826 33.38 -18.03 18.92
N PRO A 827 33.16 -17.81 20.24
CA PRO A 827 31.80 -17.62 20.77
C PRO A 827 31.19 -16.25 20.53
N ASN A 828 31.99 -15.26 20.08
CA ASN A 828 31.48 -13.92 19.85
C ASN A 828 30.63 -13.87 18.57
N THR A 829 29.62 -13.01 18.60
CA THR A 829 28.89 -12.62 17.41
C THR A 829 29.45 -11.30 16.88
N TYR A 830 29.81 -11.29 15.59
CA TYR A 830 30.37 -10.13 14.93
C TYR A 830 29.42 -9.54 13.90
N PHE A 831 29.60 -8.25 13.63
CA PHE A 831 29.10 -7.60 12.42
C PHE A 831 30.25 -7.63 11.43
N ILE A 832 29.97 -8.16 10.23
CA ILE A 832 30.95 -8.25 9.18
C ILE A 832 30.46 -7.46 7.97
N VAL A 833 31.34 -6.63 7.40
CA VAL A 833 31.00 -5.73 6.31
C VAL A 833 31.97 -5.99 5.16
N GLY A 834 31.41 -6.04 3.95
CA GLY A 834 32.18 -6.17 2.72
C GLY A 834 32.09 -4.88 1.93
N THR A 835 33.22 -4.40 1.40
CA THR A 835 33.28 -3.11 0.76
C THR A 835 33.92 -3.18 -0.63
N ALA A 836 33.83 -2.03 -1.33
CA ALA A 836 34.58 -1.76 -2.55
C ALA A 836 35.22 -0.38 -2.47
N MET A 837 36.47 -0.27 -2.95
CA MET A 837 37.08 1.04 -3.19
C MET A 837 36.70 1.49 -4.59
N VAL A 838 36.08 2.67 -4.70
CA VAL A 838 35.45 3.09 -5.93
C VAL A 838 36.22 4.27 -6.50
N TYR A 839 36.77 4.09 -7.71
CA TYR A 839 37.55 5.12 -8.39
C TYR A 839 36.89 5.39 -9.74
N PRO A 840 36.91 6.65 -10.23
CA PRO A 840 36.07 7.08 -11.36
C PRO A 840 36.27 6.31 -12.66
N GLU A 841 37.52 5.96 -12.98
CA GLU A 841 37.85 5.50 -14.32
C GLU A 841 37.84 3.97 -14.37
N GLU A 842 37.62 3.31 -13.22
CA GLU A 842 37.60 1.86 -13.16
C GLU A 842 36.25 1.35 -13.68
N ALA A 843 36.32 0.38 -14.60
CA ALA A 843 35.14 -0.27 -15.14
C ALA A 843 34.38 -0.93 -13.98
N GLU A 844 35.13 -1.65 -13.15
CA GLU A 844 34.60 -2.11 -11.87
C GLU A 844 35.73 -1.99 -10.85
N PRO A 845 35.41 -2.12 -9.54
CA PRO A 845 36.43 -2.05 -8.49
C PRO A 845 37.47 -3.16 -8.56
N LYS A 846 38.72 -2.82 -8.22
CA LYS A 846 39.79 -3.80 -8.18
C LYS A 846 40.33 -3.94 -6.76
N GLN A 847 39.64 -3.31 -5.80
CA GLN A 847 40.05 -3.34 -4.42
C GLN A 847 38.81 -3.24 -3.54
N GLY A 848 38.91 -3.84 -2.37
CA GLY A 848 37.86 -3.78 -1.35
C GLY A 848 38.34 -4.48 -0.09
N ARG A 849 37.48 -4.49 0.92
CA ARG A 849 37.81 -5.05 2.22
C ARG A 849 36.64 -5.88 2.76
N ILE A 850 36.99 -6.90 3.54
CA ILE A 850 36.09 -7.52 4.52
C ILE A 850 36.55 -7.09 5.91
N VAL A 851 35.64 -6.48 6.69
CA VAL A 851 35.97 -6.03 8.03
C VAL A 851 35.05 -6.70 9.04
N VAL A 852 35.67 -7.28 10.08
CA VAL A 852 34.99 -7.94 11.18
C VAL A 852 35.02 -6.98 12.37
N PHE A 853 33.81 -6.67 12.87
CA PHE A 853 33.62 -5.74 13.97
C PHE A 853 32.95 -6.47 15.14
N GLN A 854 33.29 -6.04 16.36
CA GLN A 854 32.62 -6.52 17.55
C GLN A 854 31.95 -5.32 18.22
N TYR A 855 30.66 -5.44 18.50
CA TYR A 855 29.95 -4.42 19.22
C TYR A 855 29.96 -4.76 20.71
N SER A 856 30.62 -3.90 21.49
CA SER A 856 30.86 -4.08 22.92
C SER A 856 30.95 -2.71 23.58
N ASP A 857 30.22 -2.53 24.69
CA ASP A 857 30.33 -1.33 25.51
C ASP A 857 30.12 -0.08 24.67
N GLY A 858 29.01 -0.04 23.93
CA GLY A 858 28.61 1.17 23.24
C GLY A 858 29.37 1.43 21.94
N LYS A 859 30.37 0.61 21.59
CA LYS A 859 31.18 0.95 20.41
C LYS A 859 31.55 -0.28 19.60
N LEU A 860 31.89 -0.03 18.32
CA LEU A 860 32.40 -1.04 17.41
C LEU A 860 33.92 -1.05 17.50
N GLN A 861 34.48 -2.18 17.91
CA GLN A 861 35.90 -2.45 17.78
C GLN A 861 36.12 -3.23 16.48
N THR A 862 37.15 -2.83 15.71
CA THR A 862 37.60 -3.60 14.57
C THR A 862 38.42 -4.79 15.08
N VAL A 863 37.97 -5.99 14.73
CA VAL A 863 38.61 -7.20 15.20
C VAL A 863 39.61 -7.66 14.16
N ALA A 864 39.25 -7.56 12.88
CA ALA A 864 40.11 -8.00 11.80
C ALA A 864 39.67 -7.36 10.49
N GLU A 865 40.63 -7.32 9.56
CA GLU A 865 40.40 -6.85 8.21
C GLU A 865 40.96 -7.86 7.22
N LYS A 866 40.49 -7.76 5.98
CA LYS A 866 41.08 -8.50 4.89
C LYS A 866 40.93 -7.68 3.62
N GLU A 867 42.07 -7.35 2.99
CA GLU A 867 42.04 -6.69 1.70
C GLU A 867 41.86 -7.75 0.64
N VAL A 868 40.97 -7.47 -0.33
CA VAL A 868 40.70 -8.35 -1.45
C VAL A 868 40.79 -7.48 -2.69
N LYS A 869 40.89 -8.13 -3.85
CA LYS A 869 41.11 -7.39 -5.09
C LYS A 869 39.79 -7.28 -5.85
N GLY A 870 38.76 -6.79 -5.16
CA GLY A 870 37.49 -6.59 -5.83
C GLY A 870 36.42 -6.10 -4.86
N ALA A 871 35.22 -5.87 -5.42
CA ALA A 871 34.06 -5.50 -4.63
C ALA A 871 33.43 -6.72 -3.95
N VAL A 872 33.15 -6.59 -2.65
CA VAL A 872 32.55 -7.66 -1.88
C VAL A 872 31.03 -7.46 -1.90
N TYR A 873 30.40 -7.99 -2.95
CA TYR A 873 29.00 -7.75 -3.27
C TYR A 873 28.04 -8.42 -2.29
N SER A 874 28.38 -9.63 -1.83
CA SER A 874 27.44 -10.45 -1.07
C SER A 874 28.21 -11.31 -0.07
N MET A 875 27.67 -11.48 1.13
CA MET A 875 28.25 -12.39 2.11
C MET A 875 27.14 -13.15 2.82
N VAL A 876 27.43 -14.41 3.18
CA VAL A 876 26.51 -15.26 3.94
C VAL A 876 27.34 -16.10 4.91
N GLU A 877 26.83 -16.29 6.13
CA GLU A 877 27.35 -17.31 7.02
C GLU A 877 27.01 -18.69 6.43
N PHE A 878 28.01 -19.56 6.39
CA PHE A 878 27.89 -20.88 5.79
C PHE A 878 28.59 -21.92 6.67
N ASN A 879 27.80 -22.64 7.47
CA ASN A 879 28.30 -23.75 8.28
C ASN A 879 29.50 -23.32 9.13
N GLY A 880 29.39 -22.16 9.79
CA GLY A 880 30.45 -21.64 10.65
C GLY A 880 31.60 -20.97 9.90
N LYS A 881 31.48 -20.82 8.58
CA LYS A 881 32.47 -20.17 7.74
C LYS A 881 31.84 -18.95 7.07
N LEU A 882 32.65 -18.14 6.40
CA LEU A 882 32.15 -16.94 5.74
C LEU A 882 32.25 -17.12 4.23
N LEU A 883 31.08 -17.04 3.57
CA LEU A 883 31.00 -17.10 2.12
C LEU A 883 30.89 -15.67 1.62
N ALA A 884 31.72 -15.31 0.64
CA ALA A 884 31.68 -13.99 0.05
C ALA A 884 31.81 -14.09 -1.47
N SER A 885 31.12 -13.19 -2.17
CA SER A 885 31.31 -13.03 -3.60
C SER A 885 32.13 -11.76 -3.84
N ILE A 886 33.17 -11.88 -4.68
CA ILE A 886 34.12 -10.79 -4.93
C ILE A 886 34.35 -10.74 -6.44
N ASN A 887 33.83 -9.68 -7.07
CA ASN A 887 33.81 -9.57 -8.52
C ASN A 887 33.29 -10.87 -9.11
N SER A 888 34.13 -11.62 -9.84
CA SER A 888 33.68 -12.79 -10.57
C SER A 888 33.97 -14.09 -9.82
N THR A 889 34.18 -13.99 -8.50
N THR A 889 34.33 -13.99 -8.53
CA THR A 889 34.69 -15.08 -7.69
CA THR A 889 34.66 -15.16 -7.74
C THR A 889 33.77 -15.30 -6.48
C THR A 889 33.64 -15.31 -6.62
N VAL A 890 33.47 -16.56 -6.17
CA VAL A 890 32.84 -16.90 -4.91
C VAL A 890 33.89 -17.57 -4.03
N ARG A 891 34.05 -17.09 -2.79
CA ARG A 891 35.13 -17.55 -1.92
C ARG A 891 34.58 -17.92 -0.56
N LEU A 892 35.11 -19.02 -0.02
CA LEU A 892 34.77 -19.47 1.31
C LEU A 892 35.98 -19.22 2.23
N TYR A 893 35.72 -18.52 3.34
CA TYR A 893 36.74 -18.23 4.34
C TYR A 893 36.45 -18.99 5.62
N GLU A 894 37.53 -19.43 6.26
CA GLU A 894 37.50 -19.94 7.62
C GLU A 894 38.04 -18.89 8.58
N TRP A 895 37.50 -18.91 9.79
CA TRP A 895 37.91 -18.03 10.88
C TRP A 895 38.91 -18.82 11.74
N THR A 896 40.18 -18.39 11.73
CA THR A 896 41.27 -19.11 12.40
C THR A 896 41.27 -18.78 13.89
N THR A 897 42.11 -19.50 14.64
CA THR A 897 42.25 -19.32 16.07
C THR A 897 42.88 -17.95 16.37
N GLU A 898 43.63 -17.38 15.41
CA GLU A 898 44.24 -16.07 15.57
C GLU A 898 43.29 -14.95 15.11
N LYS A 899 42.00 -15.27 14.92
CA LYS A 899 40.96 -14.30 14.59
C LYS A 899 41.31 -13.56 13.29
N GLU A 900 41.59 -14.35 12.25
CA GLU A 900 41.77 -13.84 10.91
C GLU A 900 40.93 -14.70 9.96
N LEU A 901 40.50 -14.12 8.84
CA LEU A 901 39.89 -14.87 7.77
C LEU A 901 40.98 -15.47 6.86
N ARG A 902 40.80 -16.75 6.51
CA ARG A 902 41.72 -17.48 5.66
C ARG A 902 40.94 -18.25 4.59
N THR A 903 41.32 -18.05 3.31
CA THR A 903 40.64 -18.67 2.17
C THR A 903 40.71 -20.20 2.22
N GLU A 904 39.56 -20.86 2.04
CA GLU A 904 39.48 -22.31 1.96
C GLU A 904 39.40 -22.73 0.51
N CYS A 905 38.46 -22.16 -0.26
CA CYS A 905 38.30 -22.55 -1.65
C CYS A 905 37.65 -21.42 -2.44
N ASN A 906 37.78 -21.47 -3.76
CA ASN A 906 37.29 -20.44 -4.65
C ASN A 906 36.55 -21.07 -5.81
N HIS A 907 35.57 -20.33 -6.36
CA HIS A 907 34.89 -20.66 -7.61
C HIS A 907 35.04 -19.45 -8.53
N TYR A 908 35.39 -19.69 -9.80
CA TYR A 908 35.78 -18.63 -10.72
C TYR A 908 34.79 -18.40 -11.87
N ASN A 909 33.84 -19.33 -12.08
CA ASN A 909 33.06 -19.34 -13.33
C ASN A 909 31.82 -18.44 -13.21
N ASN A 910 32.06 -17.13 -13.13
CA ASN A 910 31.02 -16.12 -13.05
C ASN A 910 31.46 -14.92 -13.91
N ILE A 911 30.52 -14.04 -14.25
CA ILE A 911 30.85 -12.73 -14.81
C ILE A 911 30.96 -11.72 -13.66
N MET A 912 29.94 -11.71 -12.81
CA MET A 912 29.90 -10.83 -11.66
C MET A 912 28.89 -11.43 -10.69
N ALA A 913 29.40 -11.99 -9.59
CA ALA A 913 28.59 -12.74 -8.64
C ALA A 913 28.00 -11.78 -7.60
N LEU A 914 26.76 -11.34 -7.82
CA LEU A 914 26.17 -10.25 -7.08
C LEU A 914 25.35 -10.73 -5.88
N TYR A 915 24.81 -11.96 -5.96
CA TYR A 915 23.82 -12.42 -5.01
C TYR A 915 24.15 -13.84 -4.57
N LEU A 916 24.11 -14.09 -3.25
CA LEU A 916 24.32 -15.40 -2.67
C LEU A 916 23.15 -15.71 -1.72
N LYS A 917 22.72 -16.97 -1.73
CA LYS A 917 21.91 -17.57 -0.67
C LYS A 917 22.42 -19.00 -0.47
N THR A 918 22.21 -19.58 0.72
CA THR A 918 22.67 -20.95 0.97
C THR A 918 21.60 -21.72 1.73
N LYS A 919 21.67 -23.04 1.59
CA LYS A 919 20.88 -23.99 2.38
C LYS A 919 21.67 -25.28 2.46
N GLY A 920 21.96 -25.76 3.69
CA GLY A 920 22.81 -26.92 3.85
C GLY A 920 24.19 -26.65 3.24
N ASP A 921 24.64 -27.56 2.38
CA ASP A 921 25.93 -27.40 1.71
C ASP A 921 25.75 -26.76 0.32
N PHE A 922 24.54 -26.28 0.00
CA PHE A 922 24.25 -25.76 -1.34
C PHE A 922 24.30 -24.24 -1.35
N ILE A 923 24.77 -23.68 -2.46
CA ILE A 923 24.91 -22.24 -2.62
C ILE A 923 24.24 -21.86 -3.94
N LEU A 924 23.27 -20.94 -3.86
CA LEU A 924 22.69 -20.32 -5.04
C LEU A 924 23.40 -19.00 -5.33
N VAL A 925 23.96 -18.88 -6.54
CA VAL A 925 24.68 -17.69 -6.95
C VAL A 925 23.86 -16.98 -8.04
N GLY A 926 23.62 -15.68 -7.86
CA GLY A 926 22.95 -14.87 -8.86
C GLY A 926 23.97 -13.99 -9.56
N ASP A 927 24.00 -14.07 -10.89
CA ASP A 927 24.97 -13.34 -11.70
C ASP A 927 24.37 -12.07 -12.29
N LEU A 928 25.25 -11.12 -12.61
CA LEU A 928 24.85 -9.89 -13.28
C LEU A 928 24.03 -10.18 -14.53
N MET A 929 24.47 -11.15 -15.35
CA MET A 929 23.85 -11.36 -16.65
C MET A 929 23.65 -12.83 -17.05
N ARG A 930 24.28 -13.80 -16.37
N ARG A 930 24.21 -13.79 -16.28
CA ARG A 930 24.07 -15.21 -16.70
CA ARG A 930 24.14 -15.20 -16.62
C ARG A 930 23.26 -15.89 -15.59
C ARG A 930 23.17 -15.96 -15.71
N SER A 931 22.13 -15.29 -15.20
CA SER A 931 21.12 -15.95 -14.39
C SER A 931 21.73 -16.55 -13.11
N VAL A 932 21.34 -17.79 -12.78
CA VAL A 932 21.69 -18.40 -11.51
C VAL A 932 22.51 -19.66 -11.72
N LEU A 933 23.25 -20.01 -10.67
CA LEU A 933 24.16 -21.14 -10.63
C LEU A 933 24.05 -21.83 -9.27
N LEU A 934 24.12 -23.16 -9.26
CA LEU A 934 24.09 -23.93 -8.04
C LEU A 934 25.45 -24.56 -7.78
N LEU A 935 26.02 -24.25 -6.61
CA LEU A 935 27.28 -24.82 -6.15
C LEU A 935 26.97 -25.72 -4.96
N ALA A 936 27.86 -26.68 -4.75
CA ALA A 936 27.87 -27.45 -3.53
C ALA A 936 29.28 -27.41 -2.95
N TYR A 937 29.33 -27.23 -1.63
CA TYR A 937 30.57 -27.41 -0.91
C TYR A 937 30.70 -28.91 -0.66
N LYS A 938 31.92 -29.44 -0.87
CA LYS A 938 32.18 -30.86 -0.71
C LYS A 938 33.03 -31.05 0.54
N PRO A 939 32.41 -31.35 1.71
CA PRO A 939 33.13 -31.32 2.98
C PRO A 939 34.27 -32.34 3.06
N MET A 940 34.22 -33.40 2.25
CA MET A 940 35.27 -34.41 2.24
C MET A 940 36.28 -34.14 1.13
N GLU A 941 36.20 -32.96 0.47
CA GLU A 941 37.23 -32.55 -0.48
C GLU A 941 37.67 -31.10 -0.26
N GLY A 942 36.94 -30.35 0.58
CA GLY A 942 37.35 -29.01 0.97
C GLY A 942 37.32 -28.02 -0.20
N ASN A 943 36.38 -28.21 -1.14
CA ASN A 943 36.27 -27.34 -2.29
C ASN A 943 34.83 -27.31 -2.80
N PHE A 944 34.61 -26.56 -3.87
CA PHE A 944 33.29 -26.41 -4.46
C PHE A 944 33.15 -27.32 -5.67
N GLU A 945 31.95 -27.85 -5.90
CA GLU A 945 31.58 -28.44 -7.17
C GLU A 945 30.43 -27.62 -7.78
N GLU A 946 30.54 -27.30 -9.06
CA GLU A 946 29.46 -26.66 -9.78
C GLU A 946 28.46 -27.73 -10.19
N ILE A 947 27.24 -27.69 -9.62
CA ILE A 947 26.25 -28.73 -9.82
C ILE A 947 25.50 -28.49 -11.13
N ALA A 948 24.97 -27.27 -11.30
CA ALA A 948 24.20 -26.93 -12.48
C ALA A 948 24.08 -25.41 -12.59
N ARG A 949 23.81 -24.94 -13.81
CA ARG A 949 23.52 -23.53 -14.03
C ARG A 949 22.39 -23.39 -15.03
N ASP A 950 21.75 -22.23 -14.95
CA ASP A 950 20.72 -21.82 -15.89
C ASP A 950 21.43 -21.17 -17.07
N PHE A 951 21.40 -21.84 -18.22
CA PHE A 951 22.12 -21.37 -19.39
C PHE A 951 21.37 -20.24 -20.09
N ASN A 952 20.09 -20.00 -19.72
CA ASN A 952 19.36 -18.86 -20.24
C ASN A 952 19.89 -17.59 -19.60
N PRO A 953 20.34 -16.59 -20.41
CA PRO A 953 20.81 -15.32 -19.86
C PRO A 953 19.67 -14.58 -19.17
N ASN A 954 19.96 -14.04 -17.98
CA ASN A 954 19.01 -13.19 -17.28
C ASN A 954 19.78 -12.18 -16.43
N TRP A 955 19.32 -10.94 -16.45
CA TRP A 955 19.91 -9.87 -15.63
C TRP A 955 19.27 -9.87 -14.25
N MET A 956 19.96 -10.46 -13.26
CA MET A 956 19.37 -10.76 -11.96
C MET A 956 19.32 -9.52 -11.07
N SER A 957 18.26 -9.45 -10.23
CA SER A 957 18.13 -8.45 -9.18
C SER A 957 18.14 -9.07 -7.77
N ALA A 958 17.73 -10.34 -7.65
CA ALA A 958 17.62 -11.04 -6.37
C ALA A 958 17.36 -12.53 -6.59
N VAL A 959 17.77 -13.35 -5.61
CA VAL A 959 17.64 -14.80 -5.67
C VAL A 959 17.19 -15.31 -4.30
N GLU A 960 16.59 -16.51 -4.29
CA GLU A 960 16.22 -17.19 -3.07
C GLU A 960 16.14 -18.69 -3.33
N ILE A 961 16.51 -19.49 -2.32
CA ILE A 961 16.31 -20.93 -2.32
C ILE A 961 14.97 -21.23 -1.65
N LEU A 962 14.06 -21.82 -2.42
CA LEU A 962 12.74 -22.18 -1.93
C LEU A 962 12.83 -23.50 -1.16
N ASP A 963 13.59 -24.44 -1.72
CA ASP A 963 13.95 -25.69 -1.05
C ASP A 963 15.14 -26.29 -1.80
N ASP A 964 15.51 -27.54 -1.47
CA ASP A 964 16.70 -28.15 -2.03
C ASP A 964 16.66 -28.25 -3.54
N ASP A 965 15.47 -28.27 -4.15
CA ASP A 965 15.38 -28.51 -5.58
C ASP A 965 14.79 -27.33 -6.35
N ASN A 966 14.41 -26.21 -5.69
CA ASN A 966 13.71 -25.13 -6.37
C ASN A 966 14.36 -23.78 -6.02
N PHE A 967 14.75 -23.05 -7.06
CA PHE A 967 15.48 -21.80 -6.93
C PHE A 967 14.68 -20.68 -7.60
N LEU A 968 14.45 -19.60 -6.83
CA LEU A 968 13.67 -18.46 -7.26
C LEU A 968 14.60 -17.32 -7.66
N GLY A 969 14.36 -16.77 -8.84
CA GLY A 969 15.04 -15.58 -9.34
C GLY A 969 14.07 -14.44 -9.67
N ALA A 970 14.54 -13.20 -9.45
CA ALA A 970 13.90 -12.01 -9.97
C ALA A 970 14.90 -11.32 -10.90
N GLU A 971 14.41 -10.73 -11.99
CA GLU A 971 15.31 -10.09 -12.93
C GLU A 971 14.83 -8.66 -13.25
N ASN A 972 15.68 -7.93 -13.98
CA ASN A 972 15.57 -6.49 -14.12
C ASN A 972 14.34 -6.06 -14.93
N ALA A 973 13.72 -6.98 -15.68
CA ALA A 973 12.55 -6.62 -16.50
C ALA A 973 11.25 -7.03 -15.79
N PHE A 974 11.33 -7.25 -14.46
CA PHE A 974 10.16 -7.31 -13.59
C PHE A 974 9.49 -8.69 -13.66
N ASN A 975 10.28 -9.72 -13.99
CA ASN A 975 9.83 -11.09 -14.00
C ASN A 975 10.41 -11.92 -12.85
N LEU A 976 9.64 -12.96 -12.47
CA LEU A 976 10.12 -14.03 -11.61
C LEU A 976 10.30 -15.29 -12.48
N PHE A 977 11.28 -16.10 -12.11
CA PHE A 977 11.32 -17.46 -12.64
C PHE A 977 11.77 -18.42 -11.56
N VAL A 978 11.46 -19.71 -11.79
CA VAL A 978 11.88 -20.79 -10.90
C VAL A 978 12.67 -21.80 -11.71
N CYS A 979 13.84 -22.18 -11.18
CA CYS A 979 14.72 -23.16 -11.78
C CYS A 979 14.74 -24.42 -10.92
N GLN A 980 14.81 -25.58 -11.59
CA GLN A 980 15.04 -26.87 -10.95
C GLN A 980 16.12 -27.67 -11.68
N LYS A 981 16.70 -28.64 -10.96
CA LYS A 981 17.48 -29.70 -11.59
C LYS A 981 16.59 -30.47 -12.57
N ASP A 982 17.14 -30.83 -13.73
CA ASP A 982 16.46 -31.67 -14.70
C ASP A 982 16.65 -33.14 -14.35
N SER A 983 15.77 -33.71 -13.52
CA SER A 983 15.87 -35.11 -13.15
C SER A 983 14.85 -35.93 -13.94
N THR A 987 22.53 -38.15 -19.09
CA THR A 987 23.94 -37.73 -19.22
C THR A 987 24.31 -36.82 -18.05
N ASP A 988 25.59 -36.43 -18.00
CA ASP A 988 26.10 -35.53 -16.97
C ASP A 988 26.03 -34.08 -17.47
N GLU A 989 26.44 -33.86 -18.73
CA GLU A 989 26.30 -32.57 -19.37
C GLU A 989 24.87 -32.06 -19.21
N GLU A 990 23.92 -33.01 -19.17
CA GLU A 990 22.51 -32.71 -19.03
C GLU A 990 22.15 -32.32 -17.60
N ARG A 991 22.71 -33.02 -16.60
CA ARG A 991 22.44 -32.75 -15.20
C ARG A 991 22.88 -31.33 -14.83
N GLN A 992 23.85 -30.77 -15.57
CA GLN A 992 24.39 -29.45 -15.31
C GLN A 992 23.52 -28.33 -15.87
N HIS A 993 22.39 -28.66 -16.52
CA HIS A 993 21.48 -27.69 -17.09
C HIS A 993 20.27 -27.53 -16.17
N LEU A 994 20.20 -26.40 -15.46
CA LEU A 994 19.03 -26.06 -14.68
C LEU A 994 17.91 -25.76 -15.67
N GLN A 995 16.68 -26.11 -15.31
CA GLN A 995 15.52 -25.90 -16.15
C GLN A 995 14.63 -24.83 -15.52
N GLU A 996 14.24 -23.84 -16.34
CA GLU A 996 13.28 -22.83 -15.92
C GLU A 996 11.88 -23.41 -16.05
N VAL A 997 11.32 -23.88 -14.92
CA VAL A 997 10.02 -24.55 -14.90
C VAL A 997 8.91 -23.59 -14.44
N GLY A 998 9.26 -22.42 -13.90
CA GLY A 998 8.27 -21.43 -13.54
C GLY A 998 8.63 -20.06 -14.12
N LEU A 999 7.65 -19.36 -14.70
CA LEU A 999 7.84 -18.06 -15.33
C LEU A 999 6.62 -17.19 -15.00
N PHE A 1000 6.84 -15.91 -14.66
CA PHE A 1000 5.74 -15.03 -14.27
C PHE A 1000 6.18 -13.57 -14.34
N HIS A 1001 5.40 -12.75 -15.06
CA HIS A 1001 5.62 -11.31 -15.04
C HIS A 1001 4.95 -10.72 -13.80
N LEU A 1002 5.80 -10.26 -12.85
CA LEU A 1002 5.34 -9.71 -11.59
C LEU A 1002 4.93 -8.25 -11.76
N GLY A 1003 5.74 -7.49 -12.51
CA GLY A 1003 5.49 -6.07 -12.72
C GLY A 1003 6.08 -5.18 -11.61
N GLU A 1004 6.97 -5.73 -10.78
CA GLU A 1004 7.71 -4.98 -9.77
C GLU A 1004 9.18 -5.39 -9.85
N PHE A 1005 10.07 -4.51 -9.36
CA PHE A 1005 11.50 -4.77 -9.28
C PHE A 1005 11.85 -5.22 -7.87
N VAL A 1006 12.25 -6.49 -7.74
CA VAL A 1006 12.56 -7.11 -6.46
C VAL A 1006 14.01 -6.82 -6.08
N ASN A 1007 14.19 -6.17 -4.92
CA ASN A 1007 15.50 -5.92 -4.34
C ASN A 1007 15.91 -7.00 -3.34
N VAL A 1008 14.94 -7.64 -2.66
CA VAL A 1008 15.29 -8.55 -1.58
C VAL A 1008 14.20 -9.60 -1.40
N PHE A 1009 14.62 -10.85 -1.19
CA PHE A 1009 13.82 -11.97 -0.73
C PHE A 1009 14.27 -12.35 0.69
N CYS A 1010 13.34 -12.67 1.58
N CYS A 1010 13.29 -12.63 1.56
CA CYS A 1010 13.74 -13.19 2.89
CA CYS A 1010 13.52 -13.06 2.94
C CYS A 1010 12.64 -14.07 3.47
C CYS A 1010 12.58 -14.20 3.29
N HIS A 1011 13.07 -15.21 4.01
CA HIS A 1011 12.20 -16.24 4.54
C HIS A 1011 11.50 -15.64 5.76
N GLY A 1012 10.18 -15.87 5.88
CA GLY A 1012 9.48 -15.42 7.06
C GLY A 1012 8.04 -15.06 6.76
N SER A 1013 7.33 -14.63 7.81
CA SER A 1013 5.91 -14.37 7.77
C SER A 1013 5.55 -13.30 8.80
N LEU A 1014 4.53 -12.48 8.49
CA LEU A 1014 3.97 -11.52 9.42
C LEU A 1014 2.76 -12.11 10.17
N VAL A 1015 2.39 -13.36 9.87
CA VAL A 1015 1.27 -14.01 10.52
C VAL A 1015 1.78 -14.88 11.67
N MET A 1016 1.00 -14.96 12.76
CA MET A 1016 1.33 -15.82 13.91
C MET A 1016 1.45 -17.28 13.46
N GLN A 1017 2.55 -17.93 13.87
CA GLN A 1017 2.91 -19.25 13.38
C GLN A 1017 2.18 -20.34 14.18
N THR A 1024 -2.30 -26.59 5.36
CA THR A 1024 -3.09 -25.67 4.51
C THR A 1024 -2.71 -25.90 3.04
N PRO A 1025 -3.35 -25.21 2.07
CA PRO A 1025 -2.94 -25.30 0.67
C PRO A 1025 -1.51 -24.90 0.29
N THR A 1026 -0.72 -24.34 1.24
CA THR A 1026 0.57 -23.74 0.90
C THR A 1026 1.66 -24.16 1.87
N GLN A 1027 2.90 -24.20 1.36
CA GLN A 1027 4.07 -24.63 2.12
C GLN A 1027 5.19 -23.60 1.89
N GLY A 1028 5.78 -23.12 2.99
CA GLY A 1028 6.87 -22.17 2.94
C GLY A 1028 6.34 -20.73 2.88
N SER A 1029 7.24 -19.77 3.18
CA SER A 1029 6.85 -18.38 3.20
C SER A 1029 8.08 -17.52 2.88
N VAL A 1030 8.07 -16.89 1.70
CA VAL A 1030 9.12 -15.99 1.26
C VAL A 1030 8.48 -14.63 0.96
N LEU A 1031 8.94 -13.63 1.69
CA LEU A 1031 8.55 -12.25 1.49
C LEU A 1031 9.55 -11.57 0.55
N PHE A 1032 9.06 -10.61 -0.25
CA PHE A 1032 9.97 -9.77 -1.04
C PHE A 1032 9.59 -8.30 -0.95
N GLY A 1033 10.62 -7.45 -1.11
CA GLY A 1033 10.50 -6.01 -1.10
C GLY A 1033 10.96 -5.42 -2.43
N THR A 1034 10.26 -4.39 -2.89
CA THR A 1034 10.41 -3.84 -4.23
C THR A 1034 10.74 -2.34 -4.19
N VAL A 1035 11.10 -1.82 -5.36
CA VAL A 1035 11.38 -0.41 -5.54
C VAL A 1035 10.14 0.45 -5.32
N ASN A 1036 8.95 -0.03 -5.66
CA ASN A 1036 7.74 0.77 -5.49
C ASN A 1036 7.15 0.61 -4.08
N GLY A 1037 7.83 -0.16 -3.22
CA GLY A 1037 7.43 -0.33 -1.83
C GLY A 1037 6.33 -1.37 -1.66
N MET A 1038 6.03 -2.10 -2.74
CA MET A 1038 5.21 -3.29 -2.72
C MET A 1038 5.92 -4.40 -1.94
N ILE A 1039 5.19 -5.09 -1.05
CA ILE A 1039 5.66 -6.28 -0.37
C ILE A 1039 4.81 -7.47 -0.84
N GLY A 1040 5.49 -8.51 -1.30
CA GLY A 1040 4.84 -9.71 -1.77
C GLY A 1040 5.24 -10.96 -0.98
N LEU A 1041 4.51 -12.05 -1.26
CA LEU A 1041 4.75 -13.34 -0.64
C LEU A 1041 4.72 -14.41 -1.73
N VAL A 1042 5.71 -15.30 -1.70
CA VAL A 1042 5.75 -16.50 -2.55
C VAL A 1042 5.62 -17.72 -1.65
N THR A 1043 4.73 -18.66 -2.00
CA THR A 1043 4.61 -19.93 -1.30
C THR A 1043 4.43 -21.05 -2.32
N SER A 1044 4.57 -22.29 -1.85
CA SER A 1044 4.52 -23.46 -2.72
C SER A 1044 3.16 -24.14 -2.60
N LEU A 1045 2.75 -24.83 -3.68
CA LEU A 1045 1.47 -25.50 -3.81
C LEU A 1045 1.72 -26.95 -4.22
N SER A 1046 0.79 -27.86 -3.93
CA SER A 1046 0.82 -29.20 -4.52
C SER A 1046 0.37 -29.10 -5.97
N GLU A 1047 0.62 -30.16 -6.74
CA GLU A 1047 0.16 -30.25 -8.11
C GLU A 1047 -1.35 -30.09 -8.14
N SER A 1048 -2.01 -30.75 -7.19
CA SER A 1048 -3.45 -30.81 -7.10
C SER A 1048 -4.05 -29.42 -6.90
N TRP A 1049 -3.50 -28.69 -5.93
CA TRP A 1049 -3.93 -27.33 -5.65
C TRP A 1049 -3.64 -26.41 -6.82
N TYR A 1050 -2.47 -26.58 -7.45
CA TYR A 1050 -2.07 -25.76 -8.58
C TYR A 1050 -3.12 -25.90 -9.69
N ASN A 1051 -3.53 -27.15 -9.96
CA ASN A 1051 -4.43 -27.46 -11.07
C ASN A 1051 -5.79 -26.81 -10.82
N LEU A 1052 -6.27 -26.88 -9.59
CA LEU A 1052 -7.56 -26.30 -9.23
C LEU A 1052 -7.54 -24.79 -9.38
N LEU A 1053 -6.47 -24.16 -8.88
CA LEU A 1053 -6.35 -22.70 -8.90
C LEU A 1053 -6.11 -22.20 -10.32
N LEU A 1054 -5.37 -22.95 -11.12
CA LEU A 1054 -5.16 -22.59 -12.52
C LEU A 1054 -6.49 -22.58 -13.24
N ASP A 1055 -7.32 -23.58 -12.94
CA ASP A 1055 -8.64 -23.68 -13.58
C ASP A 1055 -9.49 -22.49 -13.16
N MET A 1056 -9.51 -22.18 -11.85
CA MET A 1056 -10.20 -21.01 -11.31
C MET A 1056 -9.78 -19.73 -12.02
N GLN A 1057 -8.46 -19.53 -12.21
CA GLN A 1057 -7.96 -18.33 -12.88
C GLN A 1057 -8.57 -18.18 -14.26
N ASN A 1058 -8.54 -19.28 -15.05
CA ASN A 1058 -9.01 -19.26 -16.41
C ASN A 1058 -10.49 -18.91 -16.45
N ARG A 1059 -11.25 -19.40 -15.45
CA ARG A 1059 -12.68 -19.15 -15.36
C ARG A 1059 -12.94 -17.72 -14.90
N LEU A 1060 -12.17 -17.25 -13.91
CA LEU A 1060 -12.26 -15.85 -13.47
C LEU A 1060 -11.98 -14.91 -14.63
N ASN A 1061 -10.99 -15.24 -15.46
CA ASN A 1061 -10.57 -14.38 -16.55
C ASN A 1061 -11.66 -14.25 -17.61
N LYS A 1062 -12.56 -15.24 -17.72
CA LYS A 1062 -13.67 -15.16 -18.66
C LYS A 1062 -14.79 -14.27 -18.16
N VAL A 1063 -14.94 -14.08 -16.84
CA VAL A 1063 -16.08 -13.34 -16.31
C VAL A 1063 -15.71 -11.93 -15.87
N ILE A 1064 -14.46 -11.69 -15.43
CA ILE A 1064 -14.05 -10.38 -14.96
C ILE A 1064 -13.77 -9.47 -16.16
N LYS A 1065 -14.34 -8.26 -16.16
CA LYS A 1065 -14.07 -7.23 -17.15
C LYS A 1065 -12.84 -6.42 -16.72
N SER A 1066 -11.72 -6.52 -17.46
CA SER A 1066 -10.51 -5.81 -17.10
C SER A 1066 -10.58 -4.36 -17.58
N VAL A 1067 -9.94 -3.46 -16.84
CA VAL A 1067 -9.85 -2.08 -17.24
C VAL A 1067 -8.94 -1.99 -18.48
N GLY A 1068 -9.45 -1.43 -19.58
CA GLY A 1068 -8.66 -1.28 -20.80
C GLY A 1068 -8.67 -2.55 -21.65
N LYS A 1069 -9.49 -3.52 -21.23
CA LYS A 1069 -9.65 -4.81 -21.88
C LYS A 1069 -8.32 -5.52 -22.10
N ILE A 1070 -7.41 -5.47 -21.11
CA ILE A 1070 -6.15 -6.19 -21.20
C ILE A 1070 -6.38 -7.62 -20.72
N GLU A 1071 -5.86 -8.61 -21.46
CA GLU A 1071 -5.97 -10.02 -21.06
C GLU A 1071 -5.00 -10.30 -19.91
N HIS A 1072 -5.52 -10.86 -18.82
CA HIS A 1072 -4.71 -11.32 -17.70
C HIS A 1072 -3.51 -12.17 -18.16
N SER A 1073 -3.71 -13.09 -19.13
N SER A 1073 -3.75 -13.08 -19.12
CA SER A 1073 -2.61 -13.95 -19.58
CA SER A 1073 -2.73 -13.95 -19.67
C SER A 1073 -1.52 -13.14 -20.28
C SER A 1073 -1.57 -13.16 -20.27
N PHE A 1074 -1.90 -12.08 -21.00
CA PHE A 1074 -0.90 -11.20 -21.62
C PHE A 1074 -0.07 -10.48 -20.54
N TRP A 1075 -0.75 -9.85 -19.57
CA TRP A 1075 -0.11 -9.18 -18.45
C TRP A 1075 0.90 -10.08 -17.75
N ARG A 1076 0.52 -11.33 -17.44
CA ARG A 1076 1.39 -12.17 -16.63
C ARG A 1076 2.42 -12.94 -17.44
N SER A 1077 2.42 -12.81 -18.77
CA SER A 1077 3.42 -13.45 -19.60
C SER A 1077 4.82 -12.92 -19.29
N PHE A 1078 5.75 -13.85 -19.12
CA PHE A 1078 7.16 -13.55 -18.94
C PHE A 1078 7.60 -12.73 -20.15
N HIS A 1079 8.25 -11.59 -19.91
CA HIS A 1079 8.59 -10.66 -20.98
C HIS A 1079 9.93 -9.95 -20.71
N THR A 1080 10.92 -10.23 -21.57
CA THR A 1080 12.16 -9.48 -21.68
C THR A 1080 12.38 -9.11 -23.15
N GLU A 1081 13.46 -8.37 -23.42
CA GLU A 1081 13.89 -8.07 -24.78
C GLU A 1081 14.19 -9.35 -25.57
N ARG A 1082 14.62 -10.42 -24.89
CA ARG A 1082 14.95 -11.66 -25.58
C ARG A 1082 13.78 -12.64 -25.75
N LYS A 1083 12.74 -12.57 -24.91
CA LYS A 1083 11.80 -13.67 -24.79
C LYS A 1083 10.46 -13.21 -24.21
N THR A 1084 9.36 -13.58 -24.88
CA THR A 1084 8.01 -13.46 -24.35
C THR A 1084 7.37 -14.85 -24.39
N GLU A 1085 6.83 -15.30 -23.25
CA GLU A 1085 6.23 -16.61 -23.12
C GLU A 1085 5.08 -16.54 -22.10
N PRO A 1086 4.04 -17.39 -22.23
CA PRO A 1086 2.97 -17.43 -21.22
C PRO A 1086 3.57 -17.79 -19.87
N ALA A 1087 2.94 -17.31 -18.80
CA ALA A 1087 3.33 -17.70 -17.45
C ALA A 1087 3.11 -19.19 -17.25
N THR A 1088 3.94 -19.78 -16.41
CA THR A 1088 3.78 -21.19 -16.09
C THR A 1088 4.29 -21.42 -14.67
N GLY A 1089 3.64 -22.34 -13.96
CA GLY A 1089 4.00 -22.74 -12.61
C GLY A 1089 3.76 -21.65 -11.56
N PHE A 1090 2.99 -20.61 -11.89
CA PHE A 1090 2.70 -19.56 -10.92
C PHE A 1090 1.22 -19.22 -10.93
N ILE A 1091 0.63 -19.25 -9.73
CA ILE A 1091 -0.73 -18.77 -9.51
C ILE A 1091 -0.66 -17.32 -9.02
N ASP A 1092 -1.50 -16.49 -9.65
CA ASP A 1092 -1.66 -15.10 -9.28
C ASP A 1092 -2.68 -15.03 -8.15
N GLY A 1093 -2.18 -14.97 -6.91
CA GLY A 1093 -3.02 -14.88 -5.71
C GLY A 1093 -3.94 -13.67 -5.70
N ASP A 1094 -3.48 -12.51 -6.21
CA ASP A 1094 -4.36 -11.34 -6.27
C ASP A 1094 -5.61 -11.65 -7.10
N LEU A 1095 -5.45 -12.35 -8.24
CA LEU A 1095 -6.58 -12.75 -9.07
C LEU A 1095 -7.48 -13.73 -8.29
N ILE A 1096 -6.87 -14.74 -7.68
CA ILE A 1096 -7.64 -15.74 -6.93
C ILE A 1096 -8.44 -15.08 -5.83
N GLU A 1097 -7.81 -14.19 -5.06
CA GLU A 1097 -8.50 -13.55 -3.95
C GLU A 1097 -9.67 -12.70 -4.46
N SER A 1098 -9.61 -12.22 -5.72
CA SER A 1098 -10.67 -11.35 -6.23
C SER A 1098 -11.99 -12.13 -6.44
N PHE A 1099 -11.94 -13.47 -6.40
CA PHE A 1099 -13.13 -14.30 -6.43
C PHE A 1099 -14.14 -13.92 -5.35
N LEU A 1100 -13.66 -13.47 -4.18
CA LEU A 1100 -14.53 -13.13 -3.06
C LEU A 1100 -15.24 -11.79 -3.27
N ASP A 1101 -15.07 -11.15 -4.44
CA ASP A 1101 -15.70 -9.87 -4.72
C ASP A 1101 -16.54 -9.90 -5.99
N ILE A 1102 -16.61 -11.04 -6.67
CA ILE A 1102 -17.50 -11.15 -7.81
C ILE A 1102 -18.90 -11.52 -7.32
N SER A 1103 -19.86 -11.41 -8.22
CA SER A 1103 -21.28 -11.61 -7.93
C SER A 1103 -21.59 -13.10 -7.89
N ARG A 1104 -22.75 -13.45 -7.33
CA ARG A 1104 -23.13 -14.83 -7.11
C ARG A 1104 -23.33 -15.54 -8.45
N PRO A 1105 -23.97 -14.89 -9.45
CA PRO A 1105 -24.04 -15.48 -10.79
C PRO A 1105 -22.66 -15.82 -11.35
N LYS A 1106 -21.73 -14.88 -11.20
CA LYS A 1106 -20.37 -15.04 -11.69
C LYS A 1106 -19.71 -16.24 -11.00
N MET A 1107 -19.91 -16.37 -9.69
CA MET A 1107 -19.38 -17.49 -8.93
C MET A 1107 -19.91 -18.81 -9.49
N GLN A 1108 -21.18 -18.82 -9.93
CA GLN A 1108 -21.79 -20.01 -10.50
C GLN A 1108 -21.15 -20.33 -11.84
N GLU A 1109 -20.93 -19.28 -12.65
CA GLU A 1109 -20.22 -19.43 -13.91
C GLU A 1109 -18.86 -20.04 -13.62
N VAL A 1110 -18.16 -19.51 -12.61
CA VAL A 1110 -16.82 -19.98 -12.29
C VAL A 1110 -16.87 -21.45 -11.84
N VAL A 1111 -17.82 -21.79 -10.94
CA VAL A 1111 -17.75 -23.05 -10.21
C VAL A 1111 -18.40 -24.21 -10.97
N ALA A 1112 -19.03 -23.95 -12.13
CA ALA A 1112 -19.66 -25.00 -12.92
C ALA A 1112 -18.65 -26.07 -13.33
N ASN A 1113 -19.09 -27.33 -13.29
CA ASN A 1113 -18.35 -28.48 -13.80
C ASN A 1113 -16.86 -28.36 -13.48
N LEU A 1114 -16.55 -28.22 -12.19
CA LEU A 1114 -15.17 -28.00 -11.73
C LEU A 1114 -14.80 -29.07 -10.70
N GLN A 1115 -13.75 -29.84 -10.98
CA GLN A 1115 -13.31 -30.91 -10.09
C GLN A 1115 -12.65 -30.29 -8.84
N ARG A 1124 -14.73 -34.54 -7.21
CA ARG A 1124 -15.79 -33.76 -6.49
C ARG A 1124 -16.18 -32.54 -7.32
N GLU A 1125 -17.48 -32.36 -7.55
CA GLU A 1125 -18.03 -31.19 -8.21
C GLU A 1125 -18.14 -30.06 -7.19
N ALA A 1126 -17.26 -29.05 -7.31
CA ALA A 1126 -17.13 -27.97 -6.34
C ALA A 1126 -18.28 -26.96 -6.49
N THR A 1127 -18.71 -26.42 -5.35
CA THR A 1127 -19.77 -25.42 -5.28
C THR A 1127 -19.13 -24.07 -4.97
N ALA A 1128 -19.93 -23.00 -5.11
CA ALA A 1128 -19.46 -21.65 -4.82
C ALA A 1128 -18.91 -21.58 -3.39
N ASP A 1129 -19.64 -22.18 -2.45
CA ASP A 1129 -19.35 -22.05 -1.04
C ASP A 1129 -18.11 -22.87 -0.68
N ASP A 1130 -17.81 -23.92 -1.46
CA ASP A 1130 -16.54 -24.64 -1.30
C ASP A 1130 -15.37 -23.70 -1.55
N LEU A 1131 -15.44 -22.98 -2.68
CA LEU A 1131 -14.37 -22.10 -3.16
C LEU A 1131 -14.21 -20.92 -2.21
N ILE A 1132 -15.31 -20.31 -1.79
CA ILE A 1132 -15.26 -19.24 -0.81
C ILE A 1132 -14.37 -19.65 0.36
N LYS A 1133 -14.59 -20.86 0.89
CA LYS A 1133 -13.81 -21.34 2.02
C LYS A 1133 -12.35 -21.52 1.63
N VAL A 1134 -12.09 -22.07 0.44
CA VAL A 1134 -10.74 -22.28 -0.04
C VAL A 1134 -9.98 -20.95 -0.10
N VAL A 1135 -10.61 -19.92 -0.66
CA VAL A 1135 -9.96 -18.63 -0.86
C VAL A 1135 -9.72 -17.92 0.49
N GLU A 1136 -10.48 -18.28 1.53
CA GLU A 1136 -10.22 -17.77 2.89
C GLU A 1136 -8.96 -18.39 3.48
N GLU A 1137 -8.80 -19.71 3.44
CA GLU A 1137 -7.55 -20.33 3.89
C GLU A 1137 -6.35 -19.65 3.20
N LEU A 1138 -6.50 -19.21 1.94
CA LEU A 1138 -5.39 -18.60 1.21
C LEU A 1138 -5.11 -17.17 1.64
N THR A 1139 -6.13 -16.38 1.97
CA THR A 1139 -5.93 -15.01 2.45
C THR A 1139 -5.20 -14.97 3.80
N ARG A 1140 -5.29 -16.03 4.60
CA ARG A 1140 -4.70 -16.02 5.94
C ARG A 1140 -3.18 -16.27 5.91
N ILE A 1141 -2.60 -16.48 4.73
CA ILE A 1141 -1.16 -16.71 4.68
C ILE A 1141 -0.41 -15.38 4.72
N HIS A 1142 -1.12 -14.25 4.60
CA HIS A 1142 -0.52 -12.93 4.81
C HIS A 1142 -1.46 -12.06 5.64
O1 TLA B . 3.22 21.65 -15.65
O11 TLA B . 2.90 22.07 -17.82
C1 TLA B . 2.49 21.75 -16.69
C2 TLA B . 1.01 21.38 -16.56
O2 TLA B . 0.60 21.12 -15.22
C3 TLA B . 0.70 20.16 -17.44
O3 TLA B . 1.47 19.06 -17.00
C4 TLA B . -0.80 19.84 -17.45
O4 TLA B . -1.15 18.71 -17.05
O41 TLA B . -1.58 20.73 -17.85
O1 TLA C . -33.52 15.66 24.74
O11 TLA C . -34.44 14.22 23.30
C1 TLA C . -33.47 14.68 23.95
C2 TLA C . -32.11 14.00 23.78
O2 TLA C . -32.16 12.98 22.80
C3 TLA C . -31.64 13.44 25.13
O3 TLA C . -32.68 12.66 25.69
C4 TLA C . -30.34 12.63 24.98
O4 TLA C . -30.42 11.37 24.99
O41 TLA C . -29.29 13.28 24.87
C4 A1ALB D . -6.62 9.93 1.51
C5 A1ALB D . -7.79 9.88 2.26
C6 A1ALB D . -8.27 8.63 2.70
C8 A1ALB D . -4.66 8.83 0.46
C10 A1ALB D . -2.76 8.39 -0.42
C13 A1ALB D . -2.35 10.36 -1.71
C15 A1ALB D . -0.84 8.51 -1.61
C1 A1ALB D . -7.59 7.47 2.37
C2 A1ALB D . -6.42 7.53 1.62
C3 A1ALB D . -5.93 8.77 1.18
N7 A1ALB D . -8.46 11.03 2.59
N9 A1ALB D . -3.75 7.88 0.42
C11 A1ALB D . -3.15 9.64 -0.85
O12 A1ALB D . -4.37 9.95 -0.29
C14 A1ALB D . -1.16 9.77 -2.09
N16 A1ALB D . -1.63 7.81 -0.78
UNK UNX E . -1.88 30.28 -3.69
UNK UNX F . 30.14 -10.01 20.75
UNK UNX G . 2.33 8.21 -15.46
UNK UNX H . -10.85 -8.62 -21.18
UNK UNX I . -29.85 -2.20 20.10
UNK UNX J . 11.09 9.53 6.12
#